data_7Z2B
#
_entry.id   7Z2B
#
loop_
_entity.id
_entity.type
_entity.pdbx_description
1 polymer 'Kinesin-8, putative'
2 polymer 'Detyrosinated tubulin alpha-1B chain'
3 polymer 'Tubulin beta chain'
4 non-polymer 'PHOSPHOAMINOPHOSPHONIC ACID-ADENYLATE ESTER'
5 non-polymer 'MAGNESIUM ION'
6 non-polymer "GUANOSINE-5'-TRIPHOSPHATE"
7 non-polymer 'PHOSPHOMETHYLPHOSPHONIC ACID GUANYLATE ESTER'
#
loop_
_entity_poly.entity_id
_entity_poly.type
_entity_poly.pdbx_seq_one_letter_code
_entity_poly.pdbx_strand_id
1 'polypeptide(L)'
;ITYNMNVVIRCRPMSNSEKNEGAKNVIKIMDNKMIVLLDPSDNTDNVLRQNRTKEKRYCFDYVFDENSTQEDVYNNSVKP
LVDAVIKGYNSTVFAYGATGAGKTHTIIGYKNEPGIMMMILQDLFKKIKTLKAMNEYKIKCSFIEIYNENICDLLNPSSE
YLDLREDPVKGITVSNIFEVCTTSVEEIMELIHTGNRNRTQEPTDANRTSSRSHGVLQVIVEETEKGQGLYQQTKKGKLC
VIDLAGSERASQTNNKGMRMLEGANINRSLLALGNVINALVSRSKGTSKSNFIPFRDSKLTRLLKDSLGGNCKTLMIANI
SPSHLSYEDTHNTLKYANRAK
;
K
2 'polypeptide(L)'
;MRECISIHVGQAGVQIGNACWELYCLEHGIQPDGQMPDSFNTFFSETGAGKHVPRAVFVDLEPTVIDEVRTGTYRQLFHP
EQLITGKEDAANNYARGHYTIGKEIIDLVLDRIRKLADQCTGLQGFLVFHSFGGGTGSGFTSLLMERLSVDYGKKSKLEF
SIYPAPQVSTAVVEPYNSILTTHTTLEHSDCAFMVDNEAIYDICRRNLDIERPTYTNLNRLISQIVSSITASLRFDGALN
VDLTEFQTNLVPYPRIHFPLATYAPVISAEKAYHEQLSVAEITNACFEPANQMVKCDPRHGKYMACCLLYRGDVVPKDVN
AAIATIKTKRSIQFVDWCPTGFKVGINYQPPTVVPGGDLAKVQRAVCMLSNTTAIAEAWARLDHKFDLMYAKRAFVHWYV
GEGMEEGEFSEAREDMAALEKDYEEVGV
;
A
3 'polypeptide(L)'
;MREIVHIQAGQCGNQIGAKFWEVISDEHGIDPTGSYHGDSDLQLERINVYYNEAAGNKYVPRAILVDLEPGTMDSVRSGP
FGQIFRPDNFVFGQSGAGNNWAKGHYTEGAELVDSVLDVVRKESESCDCLQGFQLTHSLGGGTGSGMGTLLISKIREEYP
DRIMNTFSVVPSPKVSDTVVEPYNATLSVHQLVENTDETYCIDNEALYDICFRTLKLTTPTYGDLNHLVSATMSGVTTCL
RFPGQLNADLRKLAVNMVPFPRLHFFMPGFAPLTSRGSQQYRALTVPELTQQMFDAKNMMAACDPRHGRYLTVAAVFRGR
MSMKEVDEQMLNVQNKNSSYFVEWIPNNVKTAVCDIPPRGLKMSATFIGNSTAIQELFKRISEQFTAMFRRKAFLHWYTG
EGMDEMEFTEAESNMNDLVSEYQQYQ
;
H
#
# COMPACT_ATOMS: atom_id res chain seq x y z
N ILE A 1 3.83 -7.28 34.64
CA ILE A 1 4.31 -7.03 33.29
C ILE A 1 3.51 -7.83 32.27
N THR A 2 3.54 -9.16 32.41
CA THR A 2 2.81 -10.06 31.48
C THR A 2 1.31 -9.87 31.69
N TYR A 3 0.48 -10.41 30.81
CA TYR A 3 -1.00 -10.31 30.91
C TYR A 3 -1.55 -11.70 31.24
N ASN A 4 -0.68 -12.71 31.35
CA ASN A 4 -1.10 -14.09 31.70
C ASN A 4 -2.21 -14.55 30.75
N MET A 5 -2.03 -14.37 29.44
CA MET A 5 -3.07 -14.74 28.44
C MET A 5 -2.98 -16.24 28.14
N ASN A 6 -3.78 -17.06 28.83
CA ASN A 6 -3.86 -18.50 28.51
C ASN A 6 -4.48 -18.57 27.13
N VAL A 7 -4.22 -19.63 26.34
CA VAL A 7 -4.76 -19.76 24.96
C VAL A 7 -5.37 -21.15 24.82
N VAL A 8 -6.68 -21.26 24.62
CA VAL A 8 -7.32 -22.54 24.48
C VAL A 8 -7.95 -22.60 23.11
N ILE A 9 -8.08 -23.80 22.59
CA ILE A 9 -8.69 -23.99 21.29
C ILE A 9 -10.01 -24.69 21.37
N ARG A 10 -11.04 -24.13 20.76
CA ARG A 10 -12.29 -24.85 20.75
C ARG A 10 -12.66 -25.26 19.34
N CYS A 11 -12.76 -26.56 19.13
CA CYS A 11 -13.13 -27.09 17.84
C CYS A 11 -14.63 -27.24 17.77
N ARG A 12 -15.29 -26.48 16.91
CA ARG A 12 -16.74 -26.58 16.85
C ARG A 12 -17.01 -27.87 16.08
N PRO A 13 -18.18 -28.50 16.20
CA PRO A 13 -18.50 -29.73 15.50
C PRO A 13 -18.64 -29.54 14.01
N MET A 14 -18.31 -30.59 13.26
CA MET A 14 -18.49 -30.55 11.81
C MET A 14 -19.95 -30.42 11.47
N SER A 15 -20.27 -29.48 10.59
CA SER A 15 -21.64 -29.23 10.16
C SER A 15 -22.12 -30.22 9.14
N ASN A 16 -23.44 -30.27 8.94
CA ASN A 16 -23.99 -31.14 7.92
C ASN A 16 -23.51 -30.72 6.54
N SER A 17 -23.30 -29.41 6.34
CA SER A 17 -22.83 -28.95 5.04
C SER A 17 -21.43 -29.47 4.78
N GLU A 18 -20.57 -29.45 5.80
CA GLU A 18 -19.21 -29.94 5.63
C GLU A 18 -19.24 -31.45 5.37
N LYS A 19 -20.15 -32.17 6.05
CA LYS A 19 -20.30 -33.60 5.85
C LYS A 19 -20.79 -33.90 4.44
N ASN A 20 -21.71 -33.05 3.94
CA ASN A 20 -22.27 -33.22 2.59
C ASN A 20 -21.21 -32.96 1.53
N GLU A 21 -20.29 -32.03 1.81
CA GLU A 21 -19.18 -31.76 0.89
C GLU A 21 -18.25 -32.97 0.88
N GLY A 22 -18.18 -33.66 2.02
CA GLY A 22 -17.35 -34.84 2.17
C GLY A 22 -16.01 -34.48 2.76
N ALA A 23 -15.95 -33.31 3.39
CA ALA A 23 -14.72 -32.85 4.00
C ALA A 23 -14.37 -33.78 5.13
N LYS A 24 -13.08 -34.01 5.34
CA LYS A 24 -12.69 -34.88 6.43
C LYS A 24 -12.11 -34.07 7.57
N ASN A 25 -11.70 -34.77 8.61
CA ASN A 25 -11.26 -34.11 9.82
C ASN A 25 -9.83 -33.58 9.73
N VAL A 26 -9.72 -32.34 9.27
CA VAL A 26 -8.44 -31.66 9.11
C VAL A 26 -7.81 -31.46 10.48
N ILE A 27 -8.64 -31.34 11.51
CA ILE A 27 -8.06 -31.18 12.85
C ILE A 27 -7.94 -32.49 13.57
N LYS A 28 -6.72 -32.80 14.00
CA LYS A 28 -6.49 -34.00 14.77
C LYS A 28 -5.92 -33.60 16.14
N ILE A 29 -6.64 -33.95 17.19
CA ILE A 29 -6.19 -33.56 18.51
C ILE A 29 -5.21 -34.61 19.01
N MET A 30 -4.01 -34.19 19.40
CA MET A 30 -2.97 -35.11 19.81
C MET A 30 -2.99 -35.27 21.33
N ASP A 31 -3.34 -34.17 21.98
CA ASP A 31 -3.41 -34.09 23.44
C ASP A 31 -4.30 -32.92 23.81
N ASN A 32 -4.60 -32.78 25.08
CA ASN A 32 -5.41 -31.66 25.56
C ASN A 32 -4.69 -30.33 25.31
N LYS A 33 -3.37 -30.40 25.15
CA LYS A 33 -2.56 -29.22 24.89
C LYS A 33 -2.01 -29.16 23.46
N MET A 34 -2.36 -30.11 22.59
CA MET A 34 -1.76 -30.07 21.25
C MET A 34 -2.62 -30.63 20.14
N ILE A 35 -2.63 -29.91 19.03
CA ILE A 35 -3.37 -30.34 17.86
C ILE A 35 -2.47 -30.27 16.65
N VAL A 36 -2.82 -31.03 15.63
CA VAL A 36 -2.13 -30.91 14.39
C VAL A 36 -3.12 -30.65 13.29
N LEU A 37 -2.71 -29.91 12.28
CA LEU A 37 -3.62 -29.62 11.18
C LEU A 37 -3.20 -30.41 9.94
N LEU A 38 -4.11 -31.21 9.44
CA LEU A 38 -3.82 -32.12 8.35
C LEU A 38 -4.01 -31.49 7.00
N LYS A 54 1.24 -31.72 6.05
CA LYS A 54 0.25 -32.46 6.80
C LYS A 54 0.76 -32.60 8.23
N GLU A 55 -0.12 -32.36 9.20
CA GLU A 55 0.13 -32.40 10.64
C GLU A 55 1.05 -31.28 11.15
N LYS A 56 0.73 -30.05 10.76
CA LYS A 56 1.48 -28.91 11.29
C LYS A 56 1.10 -28.80 12.76
N ARG A 57 2.09 -28.66 13.65
CA ARG A 57 1.77 -28.61 15.09
C ARG A 57 1.38 -27.24 15.65
N TYR A 58 0.41 -27.28 16.55
CA TYR A 58 0.00 -26.11 17.29
C TYR A 58 -0.10 -26.48 18.77
N CYS A 59 0.39 -25.61 19.65
CA CYS A 59 0.41 -25.94 21.08
C CYS A 59 -0.23 -24.89 21.97
N PHE A 60 -1.08 -25.37 22.89
CA PHE A 60 -1.91 -24.50 23.72
C PHE A 60 -2.00 -24.93 25.18
N ASP A 61 -2.81 -24.22 25.98
CA ASP A 61 -3.01 -24.59 27.38
C ASP A 61 -4.11 -25.65 27.48
N TYR A 62 -5.11 -25.54 26.59
CA TYR A 62 -6.17 -26.56 26.58
C TYR A 62 -6.87 -26.60 25.23
N VAL A 63 -7.27 -27.79 24.80
CA VAL A 63 -8.01 -27.98 23.58
C VAL A 63 -9.32 -28.72 23.83
N PHE A 64 -10.40 -28.17 23.32
CA PHE A 64 -11.72 -28.74 23.44
C PHE A 64 -12.11 -29.40 22.12
N ASP A 65 -12.61 -30.63 22.17
CA ASP A 65 -12.99 -31.31 20.93
C ASP A 65 -14.40 -30.93 20.50
N GLU A 66 -14.89 -31.59 19.45
CA GLU A 66 -16.18 -31.29 18.84
C GLU A 66 -17.39 -31.48 19.74
N ASN A 67 -17.26 -32.30 20.79
CA ASN A 67 -18.38 -32.59 21.65
C ASN A 67 -18.32 -31.83 22.97
N SER A 68 -17.34 -30.95 23.13
CA SER A 68 -17.20 -30.23 24.39
C SER A 68 -18.41 -29.35 24.64
N THR A 69 -18.91 -29.35 25.88
CA THR A 69 -20.09 -28.56 26.21
C THR A 69 -19.74 -27.16 26.63
N GLN A 70 -20.77 -26.33 26.77
CA GLN A 70 -20.61 -24.95 27.18
C GLN A 70 -20.05 -24.92 28.61
N GLU A 71 -20.47 -25.90 29.42
CA GLU A 71 -20.03 -26.05 30.80
C GLU A 71 -18.57 -26.46 30.85
N ASP A 72 -18.13 -27.28 29.88
CA ASP A 72 -16.75 -27.73 29.89
C ASP A 72 -15.87 -26.57 29.50
N VAL A 73 -16.33 -25.73 28.57
CA VAL A 73 -15.54 -24.59 28.19
C VAL A 73 -15.40 -23.68 29.39
N TYR A 74 -16.49 -23.47 30.10
CA TYR A 74 -16.38 -22.60 31.25
C TYR A 74 -15.33 -23.14 32.24
N ASN A 75 -15.54 -24.39 32.65
CA ASN A 75 -14.73 -25.02 33.68
C ASN A 75 -13.25 -25.16 33.36
N ASN A 76 -12.91 -25.39 32.09
CA ASN A 76 -11.50 -25.56 31.75
C ASN A 76 -10.87 -24.36 31.05
N SER A 77 -11.52 -23.19 31.05
CA SER A 77 -10.83 -22.06 30.43
C SER A 77 -11.11 -20.69 31.04
N VAL A 78 -12.35 -20.39 31.45
CA VAL A 78 -12.66 -19.03 31.90
C VAL A 78 -13.02 -18.95 33.36
N LYS A 79 -13.38 -20.07 33.97
CA LYS A 79 -13.73 -20.03 35.37
C LYS A 79 -12.66 -19.28 36.21
N PRO A 80 -11.33 -19.54 36.07
CA PRO A 80 -10.27 -18.82 36.77
C PRO A 80 -10.25 -17.31 36.52
N LEU A 81 -10.80 -16.86 35.38
CA LEU A 81 -10.79 -15.45 35.04
C LEU A 81 -11.94 -14.77 35.75
N VAL A 82 -13.06 -15.48 35.81
CA VAL A 82 -14.25 -14.98 36.46
C VAL A 82 -13.95 -14.89 37.93
N ASP A 83 -13.27 -15.92 38.44
CA ASP A 83 -12.92 -15.96 39.84
C ASP A 83 -11.96 -14.79 40.12
N ALA A 84 -10.97 -14.56 39.25
CA ALA A 84 -10.06 -13.47 39.50
C ALA A 84 -10.83 -12.17 39.64
N VAL A 85 -11.86 -11.98 38.82
CA VAL A 85 -12.65 -10.78 38.92
C VAL A 85 -13.42 -10.67 40.22
N ILE A 86 -14.10 -11.73 40.66
CA ILE A 86 -14.83 -11.62 41.91
C ILE A 86 -13.86 -11.36 43.08
N LYS A 87 -12.60 -11.78 42.92
CA LYS A 87 -11.55 -11.57 43.92
C LYS A 87 -10.87 -10.18 43.82
N GLY A 88 -11.30 -9.32 42.88
CA GLY A 88 -10.74 -7.97 42.75
C GLY A 88 -9.75 -7.72 41.60
N TYR A 89 -9.66 -8.63 40.65
CA TYR A 89 -8.75 -8.47 39.50
C TYR A 89 -9.50 -8.16 38.21
N ASN A 90 -8.76 -7.86 37.16
CA ASN A 90 -9.40 -7.69 35.87
C ASN A 90 -9.22 -8.99 35.08
N SER A 91 -10.12 -9.29 34.15
CA SER A 91 -9.85 -10.39 33.24
C SER A 91 -10.61 -10.27 31.95
N THR A 92 -10.02 -10.78 30.88
CA THR A 92 -10.66 -10.69 29.57
C THR A 92 -10.55 -11.94 28.72
N VAL A 93 -11.67 -12.31 28.10
CA VAL A 93 -11.76 -13.42 27.18
C VAL A 93 -11.93 -12.93 25.74
N PHE A 94 -11.00 -13.30 24.90
CA PHE A 94 -11.02 -12.86 23.52
C PHE A 94 -11.37 -14.04 22.66
N ALA A 95 -12.59 -14.15 22.17
CA ALA A 95 -12.79 -15.34 21.37
C ALA A 95 -12.05 -15.02 20.08
N TYR A 96 -11.48 -15.98 19.36
CA TYR A 96 -10.69 -15.56 18.20
C TYR A 96 -10.70 -16.43 16.95
N GLY A 97 -10.73 -15.74 15.80
CA GLY A 97 -10.61 -16.40 14.53
C GLY A 97 -11.22 -15.69 13.34
N ALA A 98 -11.20 -16.41 12.25
CA ALA A 98 -11.75 -15.98 10.96
C ALA A 98 -13.28 -15.99 11.01
N THR A 99 -13.92 -15.38 10.03
CA THR A 99 -15.38 -15.48 10.06
C THR A 99 -15.77 -16.96 10.01
N GLY A 100 -16.84 -17.36 10.72
CA GLY A 100 -17.28 -18.75 10.71
C GLY A 100 -16.57 -19.62 11.78
N ALA A 101 -15.68 -18.99 12.55
CA ALA A 101 -14.91 -19.65 13.60
C ALA A 101 -15.73 -20.29 14.75
N GLY A 102 -16.70 -19.59 15.35
CA GLY A 102 -17.43 -20.21 16.48
C GLY A 102 -17.50 -19.33 17.77
N LYS A 103 -17.18 -18.04 17.63
CA LYS A 103 -17.09 -17.10 18.74
C LYS A 103 -18.40 -16.70 19.42
N THR A 104 -19.40 -16.22 18.66
CA THR A 104 -20.69 -15.84 19.28
C THR A 104 -21.30 -17.01 20.03
N HIS A 105 -21.26 -18.21 19.43
CA HIS A 105 -21.87 -19.37 20.07
C HIS A 105 -21.18 -19.67 21.39
N THR A 106 -19.85 -19.59 21.39
CA THR A 106 -19.11 -19.83 22.62
C THR A 106 -19.46 -18.81 23.69
N ILE A 107 -19.59 -17.53 23.29
CA ILE A 107 -19.81 -16.42 24.20
C ILE A 107 -21.27 -16.19 24.62
N ILE A 108 -22.15 -15.95 23.66
CA ILE A 108 -23.54 -15.65 23.95
C ILE A 108 -24.41 -16.86 23.75
N GLY A 109 -24.18 -17.54 22.63
CA GLY A 109 -25.02 -18.67 22.23
C GLY A 109 -26.40 -18.16 21.98
N TYR A 110 -27.37 -18.95 22.35
CA TYR A 110 -28.77 -18.61 22.17
C TYR A 110 -29.43 -18.63 23.53
N LYS A 111 -30.52 -17.91 23.70
CA LYS A 111 -31.15 -17.91 25.02
C LYS A 111 -31.48 -19.33 25.53
N ASN A 112 -31.87 -20.23 24.61
CA ASN A 112 -32.21 -21.59 25.00
C ASN A 112 -31.02 -22.57 24.84
N GLU A 113 -29.85 -22.02 24.55
CA GLU A 113 -28.60 -22.75 24.38
C GLU A 113 -27.44 -21.76 24.53
N PRO A 114 -27.25 -21.17 25.73
CA PRO A 114 -26.37 -20.06 26.01
C PRO A 114 -24.89 -20.41 26.00
N GLY A 115 -24.07 -19.38 25.83
CA GLY A 115 -22.61 -19.45 25.88
C GLY A 115 -22.03 -19.24 27.27
N ILE A 116 -20.72 -18.98 27.32
CA ILE A 116 -20.05 -18.78 28.58
C ILE A 116 -20.60 -17.56 29.26
N MET A 117 -21.24 -16.65 28.53
CA MET A 117 -21.88 -15.52 29.17
C MET A 117 -22.79 -16.02 30.28
N MET A 118 -23.59 -17.06 30.01
CA MET A 118 -24.49 -17.52 31.05
C MET A 118 -23.73 -18.34 32.08
N MET A 119 -22.74 -19.11 31.63
CA MET A 119 -22.04 -19.99 32.57
C MET A 119 -21.33 -19.09 33.61
N ILE A 120 -20.83 -17.96 33.11
CA ILE A 120 -20.18 -16.92 33.88
C ILE A 120 -21.14 -16.26 34.81
N LEU A 121 -22.31 -15.86 34.33
CA LEU A 121 -23.22 -15.19 35.22
C LEU A 121 -23.66 -16.10 36.33
N GLN A 122 -23.87 -17.39 36.04
CA GLN A 122 -24.33 -18.29 37.07
C GLN A 122 -23.25 -18.47 38.15
N ASP A 123 -22.00 -18.65 37.75
CA ASP A 123 -20.94 -18.82 38.73
C ASP A 123 -20.64 -17.52 39.45
N LEU A 124 -20.57 -16.43 38.68
CA LEU A 124 -20.26 -15.12 39.21
C LEU A 124 -21.29 -14.76 40.26
N PHE A 125 -22.59 -14.90 39.94
CA PHE A 125 -23.58 -14.53 40.93
C PHE A 125 -23.67 -15.44 42.13
N LYS A 126 -23.34 -16.72 42.00
CA LYS A 126 -23.35 -17.53 43.23
C LYS A 126 -22.26 -17.00 44.16
N LYS A 127 -21.11 -16.62 43.59
CA LYS A 127 -20.02 -16.09 44.37
C LYS A 127 -20.36 -14.73 44.93
N ILE A 128 -21.03 -13.89 44.14
CA ILE A 128 -21.47 -12.58 44.60
C ILE A 128 -22.46 -12.68 45.73
N LYS A 129 -23.47 -13.54 45.59
CA LYS A 129 -24.46 -13.66 46.65
C LYS A 129 -23.82 -14.12 47.95
N THR A 130 -22.82 -15.00 47.85
CA THR A 130 -22.15 -15.46 49.05
C THR A 130 -21.34 -14.33 49.69
N LEU A 131 -20.55 -13.65 48.88
CA LEU A 131 -19.66 -12.59 49.35
C LEU A 131 -20.41 -11.35 49.80
N LYS A 132 -21.58 -11.13 49.20
CA LYS A 132 -22.50 -10.03 49.48
C LYS A 132 -22.84 -9.95 50.96
N ALA A 133 -22.74 -11.07 51.67
CA ALA A 133 -23.04 -11.11 53.10
C ALA A 133 -22.20 -10.06 53.85
N ASN A 135 -19.72 -7.88 51.74
CA ASN A 135 -19.36 -6.83 50.79
C ASN A 135 -20.45 -6.55 49.77
N GLU A 136 -21.14 -5.44 49.90
CA GLU A 136 -22.26 -5.12 49.01
C GLU A 136 -21.78 -5.00 47.58
N TYR A 137 -22.50 -5.62 46.63
CA TYR A 137 -22.12 -5.55 45.22
C TYR A 137 -23.04 -4.72 44.34
N LYS A 138 -22.41 -4.09 43.34
CA LYS A 138 -23.08 -3.33 42.30
C LYS A 138 -22.59 -3.86 40.95
N ILE A 139 -23.35 -4.74 40.32
CA ILE A 139 -22.77 -5.36 39.13
C ILE A 139 -23.06 -4.54 37.88
N LYS A 140 -22.13 -3.65 37.59
CA LYS A 140 -22.29 -2.62 36.56
C LYS A 140 -22.05 -3.12 35.16
N CYS A 141 -23.09 -3.70 34.60
CA CYS A 141 -23.06 -4.29 33.28
C CYS A 141 -23.14 -3.24 32.19
N SER A 142 -22.32 -3.41 31.15
CA SER A 142 -22.34 -2.56 29.97
C SER A 142 -22.13 -3.44 28.74
N PHE A 143 -22.52 -2.95 27.59
CA PHE A 143 -22.37 -3.76 26.39
C PHE A 143 -22.28 -2.85 25.19
N ILE A 144 -21.16 -2.94 24.47
CA ILE A 144 -21.00 -2.05 23.35
C ILE A 144 -20.66 -2.74 22.05
N GLU A 145 -21.03 -2.09 20.97
CA GLU A 145 -20.70 -2.56 19.65
C GLU A 145 -19.64 -1.73 18.98
N ILE A 146 -18.47 -2.29 18.68
CA ILE A 146 -17.50 -1.41 18.03
C ILE A 146 -17.59 -1.65 16.53
N TYR A 147 -18.09 -0.63 15.84
CA TYR A 147 -18.42 -0.70 14.43
C TYR A 147 -17.87 0.49 13.68
N ASN A 148 -16.99 0.24 12.73
CA ASN A 148 -16.31 1.33 12.02
C ASN A 148 -15.68 2.31 13.01
N GLU A 149 -15.11 1.76 14.09
CA GLU A 149 -14.47 2.51 15.18
C GLU A 149 -15.42 3.35 16.06
N ASN A 150 -16.73 3.27 15.82
CA ASN A 150 -17.72 3.97 16.63
C ASN A 150 -18.23 2.99 17.70
N ILE A 151 -18.70 3.47 18.87
CA ILE A 151 -19.16 2.49 19.87
C ILE A 151 -20.67 2.50 20.18
N CYS A 152 -21.42 1.49 19.74
CA CYS A 152 -22.88 1.58 19.97
C CYS A 152 -23.20 1.21 21.38
N ASP A 153 -24.01 2.00 22.05
CA ASP A 153 -24.44 1.60 23.36
C ASP A 153 -25.55 0.59 23.16
N LEU A 154 -25.31 -0.67 23.49
CA LEU A 154 -26.29 -1.68 23.22
C LEU A 154 -27.30 -1.82 24.32
N LEU A 155 -27.08 -1.14 25.44
CA LEU A 155 -28.04 -1.27 26.52
C LEU A 155 -28.96 -0.06 26.45
N ASN A 156 -28.42 1.04 25.94
CA ASN A 156 -29.21 2.23 25.71
C ASN A 156 -28.94 2.80 24.33
N PRO A 157 -29.50 2.19 23.28
CA PRO A 157 -29.26 2.48 21.88
C PRO A 157 -29.79 3.85 21.48
N SER A 158 -30.55 4.53 22.37
CA SER A 158 -31.08 5.83 22.00
C SER A 158 -29.94 6.85 21.93
N SER A 159 -28.80 6.49 22.52
CA SER A 159 -27.62 7.32 22.52
C SER A 159 -26.75 7.05 21.28
N GLU A 160 -27.19 6.12 20.43
CA GLU A 160 -26.49 5.71 19.22
C GLU A 160 -25.04 5.33 19.49
N TYR A 161 -24.11 5.98 18.80
CA TYR A 161 -22.70 5.67 18.94
C TYR A 161 -21.93 6.66 19.79
N LEU A 162 -21.06 6.11 20.64
CA LEU A 162 -20.24 6.81 21.59
C LEU A 162 -18.76 6.82 21.22
N ASP A 163 -17.97 7.66 21.91
CA ASP A 163 -16.49 7.71 21.68
C ASP A 163 -15.77 7.10 22.88
N LEU A 164 -14.44 7.10 22.91
CA LEU A 164 -13.63 6.58 24.05
C LEU A 164 -12.93 7.77 24.71
N ARG A 165 -12.94 7.85 26.05
CA ARG A 165 -12.37 9.01 26.78
C ARG A 165 -11.36 8.56 27.84
N GLU A 166 -10.09 8.96 27.73
CA GLU A 166 -9.09 8.68 28.79
C GLU A 166 -9.61 9.29 30.09
N ASP A 167 -9.15 8.82 31.25
CA ASP A 167 -9.67 9.29 32.56
C ASP A 167 -8.53 9.77 33.45
N PRO A 168 -8.80 10.51 34.55
CA PRO A 168 -7.74 10.88 35.49
C PRO A 168 -7.02 9.56 35.78
N VAL A 169 -5.72 9.45 35.53
CA VAL A 169 -5.01 8.18 35.64
C VAL A 169 -5.55 7.35 34.48
N LYS A 170 -4.82 7.35 33.37
CA LYS A 170 -5.46 7.25 32.05
C LYS A 170 -6.01 5.91 31.59
N GLY A 171 -7.06 5.46 32.27
CA GLY A 171 -7.82 4.31 31.87
C GLY A 171 -8.85 4.88 30.93
N ILE A 172 -9.74 4.05 30.38
CA ILE A 172 -10.74 4.58 29.44
C ILE A 172 -12.21 4.26 29.71
N THR A 173 -13.01 5.30 29.66
CA THR A 173 -14.45 5.23 29.83
C THR A 173 -15.15 5.53 28.50
N VAL A 174 -16.15 4.73 28.16
CA VAL A 174 -16.90 5.04 26.95
C VAL A 174 -17.79 6.22 27.32
N SER A 175 -17.65 7.32 26.59
CA SER A 175 -18.32 8.55 26.95
C SER A 175 -19.83 8.41 27.04
N ASN A 176 -20.36 8.76 28.20
CA ASN A 176 -21.80 8.72 28.52
C ASN A 176 -22.47 7.35 28.36
N ILE A 177 -21.71 6.27 28.49
CA ILE A 177 -22.30 4.94 28.36
C ILE A 177 -23.26 4.57 29.49
N PHE A 178 -24.36 3.90 29.13
CA PHE A 178 -25.31 3.43 30.11
C PHE A 178 -24.84 2.14 30.78
N GLU A 179 -24.87 2.13 32.10
CA GLU A 179 -24.47 0.96 32.88
C GLU A 179 -25.62 0.54 33.76
N VAL A 180 -25.74 -0.77 34.01
CA VAL A 180 -26.81 -1.24 34.87
C VAL A 180 -26.28 -1.96 36.10
N CYS A 181 -26.64 -1.47 37.29
CA CYS A 181 -26.16 -2.09 38.53
C CYS A 181 -27.03 -3.28 38.90
N THR A 182 -26.75 -4.40 38.26
CA THR A 182 -27.57 -5.57 38.43
C THR A 182 -27.29 -6.31 39.74
N THR A 183 -28.23 -7.20 40.08
CA THR A 183 -28.15 -8.06 41.24
C THR A 183 -28.27 -9.56 40.91
N SER A 184 -28.72 -9.91 39.69
CA SER A 184 -28.91 -11.32 39.36
C SER A 184 -28.48 -11.75 37.96
N VAL A 185 -28.41 -13.06 37.81
CA VAL A 185 -28.05 -13.71 36.55
C VAL A 185 -29.03 -13.37 35.49
N GLU A 186 -30.32 -13.47 35.82
CA GLU A 186 -31.34 -13.18 34.85
C GLU A 186 -31.33 -11.72 34.42
N GLU A 187 -31.05 -10.80 35.36
CA GLU A 187 -31.04 -9.42 34.93
C GLU A 187 -29.97 -9.19 33.88
N ILE A 188 -28.76 -9.72 34.11
CA ILE A 188 -27.77 -9.50 33.07
C ILE A 188 -28.07 -10.30 31.82
N MET A 189 -28.49 -11.54 31.97
CA MET A 189 -28.79 -12.36 30.79
C MET A 189 -29.78 -11.67 29.85
N GLU A 190 -30.90 -11.17 30.39
CA GLU A 190 -31.91 -10.55 29.54
C GLU A 190 -31.40 -9.24 28.97
N LEU A 191 -30.60 -8.52 29.77
CA LEU A 191 -30.03 -7.25 29.39
C LEU A 191 -29.12 -7.46 28.16
N ILE A 192 -28.28 -8.49 28.21
CA ILE A 192 -27.37 -8.81 27.14
C ILE A 192 -28.07 -9.31 25.90
N HIS A 193 -29.05 -10.20 26.04
CA HIS A 193 -29.72 -10.69 24.85
C HIS A 193 -30.40 -9.52 24.15
N THR A 194 -30.98 -8.61 24.92
CA THR A 194 -31.61 -7.45 24.33
C THR A 194 -30.54 -6.65 23.59
N GLY A 195 -29.39 -6.46 24.25
CA GLY A 195 -28.29 -5.76 23.62
C GLY A 195 -27.87 -6.40 22.32
N ASN A 196 -27.92 -7.74 22.22
CA ASN A 196 -27.57 -8.36 20.95
C ASN A 196 -28.64 -8.07 19.90
N ARG A 197 -29.89 -7.90 20.32
CA ARG A 197 -30.95 -7.58 19.36
C ARG A 197 -30.70 -6.18 18.77
N ASN A 198 -29.99 -5.35 19.53
CA ASN A 198 -29.66 -4.00 19.11
C ASN A 198 -28.37 -3.91 18.26
N ARG A 199 -27.74 -5.05 17.94
CA ARG A 199 -26.49 -5.07 17.17
C ARG A 199 -26.62 -5.17 15.65
N THR A 200 -25.51 -4.86 14.98
CA THR A 200 -25.40 -4.88 13.54
C THR A 200 -24.84 -6.21 12.99
N SER A 211 -21.33 -11.10 12.18
CA SER A 211 -21.21 -9.95 13.01
C SER A 211 -20.51 -8.94 12.15
N ARG A 212 -20.88 -7.68 12.22
CA ARG A 212 -20.17 -6.66 11.46
C ARG A 212 -19.36 -5.78 12.38
N SER A 213 -19.34 -6.18 13.62
CA SER A 213 -18.79 -5.40 14.71
C SER A 213 -18.19 -6.22 15.82
N HIS A 214 -17.45 -5.56 16.71
CA HIS A 214 -16.86 -6.28 17.82
C HIS A 214 -17.79 -6.21 19.03
N GLY A 215 -18.36 -7.35 19.39
CA GLY A 215 -19.34 -7.39 20.47
C GLY A 215 -18.65 -7.40 21.82
N VAL A 216 -18.31 -6.22 22.33
CA VAL A 216 -17.55 -6.17 23.58
C VAL A 216 -18.47 -6.13 24.80
N LEU A 217 -18.55 -7.25 25.49
CA LEU A 217 -19.42 -7.43 26.64
C LEU A 217 -18.63 -7.27 27.92
N GLN A 218 -19.03 -6.37 28.80
CA GLN A 218 -18.23 -6.21 30.00
C GLN A 218 -19.03 -5.82 31.23
N VAL A 219 -18.50 -6.19 32.39
CA VAL A 219 -19.15 -5.82 33.64
C VAL A 219 -18.16 -5.44 34.73
N ILE A 220 -18.49 -4.39 35.48
CA ILE A 220 -17.66 -4.05 36.61
C ILE A 220 -18.23 -4.62 37.88
N VAL A 221 -17.48 -5.53 38.45
CA VAL A 221 -17.94 -6.21 39.63
C VAL A 221 -17.47 -5.38 40.81
N GLU A 222 -18.27 -4.36 41.11
CA GLU A 222 -17.88 -3.40 42.14
C GLU A 222 -18.36 -3.84 43.50
N GLU A 223 -17.50 -3.75 44.51
CA GLU A 223 -17.85 -4.19 45.88
C GLU A 223 -17.51 -3.08 46.89
N THR A 224 -18.45 -2.70 47.75
CA THR A 224 -18.24 -1.65 48.78
C THR A 224 -18.55 -2.25 50.15
N GLU A 225 -17.69 -2.04 51.15
CA GLU A 225 -17.88 -2.56 52.51
C GLU A 225 -19.32 -2.28 52.96
N LYS A 226 -20.12 -3.32 53.19
CA LYS A 226 -21.53 -3.17 53.65
C LYS A 226 -21.54 -2.12 54.77
N GLY A 227 -20.45 -1.99 55.54
CA GLY A 227 -20.31 -0.97 56.54
C GLY A 227 -19.98 0.35 55.85
N GLN A 228 -21.00 0.93 55.22
CA GLN A 228 -20.86 2.15 54.39
C GLN A 228 -20.36 3.36 55.18
N GLY A 229 -20.50 3.32 56.51
CA GLY A 229 -20.04 4.40 57.38
C GLY A 229 -18.53 4.30 57.68
N LEU A 230 -17.88 3.25 57.17
CA LEU A 230 -16.46 3.01 57.35
C LEU A 230 -15.74 3.47 56.09
N TYR A 231 -14.43 3.63 56.13
CA TYR A 231 -13.80 4.00 54.88
C TYR A 231 -14.13 2.97 53.81
N GLN A 232 -14.74 3.45 52.73
CA GLN A 232 -15.19 2.56 51.68
C GLN A 232 -14.08 2.21 50.72
N GLN A 233 -13.16 1.37 51.17
CA GLN A 233 -12.11 0.97 50.25
C GLN A 233 -12.66 -0.08 49.32
N THR A 234 -13.24 0.39 48.24
CA THR A 234 -13.89 -0.49 47.30
C THR A 234 -12.92 -1.15 46.36
N LYS A 235 -13.45 -2.15 45.67
CA LYS A 235 -12.74 -2.84 44.60
C LYS A 235 -13.64 -2.81 43.37
N LYS A 236 -13.02 -2.79 42.19
CA LYS A 236 -13.77 -2.79 40.93
C LYS A 236 -13.24 -3.84 39.99
N GLY A 237 -13.71 -5.07 40.12
CA GLY A 237 -13.16 -6.12 39.28
C GLY A 237 -13.71 -5.91 37.89
N LYS A 238 -13.02 -6.32 36.86
CA LYS A 238 -13.58 -6.15 35.51
C LYS A 238 -13.55 -7.40 34.71
N LEU A 239 -14.72 -7.83 34.26
CA LEU A 239 -14.82 -9.05 33.48
C LEU A 239 -15.33 -8.71 32.08
N CYS A 240 -14.59 -9.13 31.06
CA CYS A 240 -15.00 -8.82 29.69
C CYS A 240 -14.79 -9.97 28.71
N VAL A 241 -15.79 -10.18 27.85
CA VAL A 241 -15.75 -11.23 26.83
C VAL A 241 -16.08 -10.62 25.45
N ILE A 242 -15.28 -10.85 24.40
CA ILE A 242 -15.49 -10.13 23.10
C ILE A 242 -15.88 -11.06 21.94
N ASP A 243 -16.94 -10.73 21.20
CA ASP A 243 -17.35 -11.47 19.97
C ASP A 243 -16.63 -10.73 18.85
N LEU A 244 -15.31 -10.89 18.73
CA LEU A 244 -14.51 -10.10 17.83
C LEU A 244 -15.04 -10.36 16.44
N ALA A 245 -15.12 -9.32 15.62
CA ALA A 245 -15.55 -9.53 14.26
C ALA A 245 -14.45 -10.35 13.62
N GLY A 246 -14.81 -11.35 12.82
CA GLY A 246 -13.82 -12.26 12.25
C GLY A 246 -13.11 -11.76 11.02
N SER A 247 -11.95 -12.33 10.77
CA SER A 247 -11.20 -11.96 9.57
C SER A 247 -12.04 -12.26 8.35
N GLU A 248 -12.16 -11.28 7.45
CA GLU A 248 -13.00 -11.47 6.27
C GLU A 248 -12.23 -11.39 4.96
N ARG A 249 -12.38 -12.43 4.17
CA ARG A 249 -11.78 -12.52 2.84
C ARG A 249 -12.91 -12.82 1.85
N GLY A 257 -20.25 -2.01 -1.48
CA GLY A 257 -19.24 -1.10 -0.92
C GLY A 257 -19.32 -1.00 0.61
N MET A 258 -20.53 -1.07 1.15
CA MET A 258 -20.72 -1.01 2.59
C MET A 258 -20.00 -2.16 3.26
N ARG A 259 -20.24 -3.38 2.76
CA ARG A 259 -19.65 -4.57 3.34
C ARG A 259 -18.16 -4.61 3.12
N MET A 260 -17.70 -4.07 1.99
CA MET A 260 -16.27 -4.04 1.72
C MET A 260 -15.59 -3.18 2.77
N LEU A 261 -16.21 -2.04 3.10
CA LEU A 261 -15.68 -1.15 4.12
C LEU A 261 -15.72 -1.80 5.48
N GLU A 262 -16.85 -2.44 5.81
CA GLU A 262 -16.95 -3.09 7.10
C GLU A 262 -15.87 -4.14 7.20
N GLY A 263 -15.67 -4.89 6.12
CA GLY A 263 -14.65 -5.91 6.06
C GLY A 263 -13.30 -5.30 6.35
N ALA A 264 -13.01 -4.25 5.58
CA ALA A 264 -11.76 -3.48 5.69
C ALA A 264 -11.58 -3.07 7.15
N ASN A 265 -12.45 -2.21 7.66
CA ASN A 265 -12.35 -1.72 9.06
C ASN A 265 -12.21 -2.93 9.98
N ILE A 266 -13.10 -3.91 9.87
CA ILE A 266 -13.10 -5.13 10.73
C ILE A 266 -11.73 -5.80 10.68
N ASN A 267 -11.24 -6.17 9.48
CA ASN A 267 -9.96 -6.91 9.32
C ASN A 267 -8.81 -6.08 9.87
N ARG A 268 -8.82 -4.76 9.62
CA ARG A 268 -7.74 -3.84 10.06
C ARG A 268 -7.70 -3.87 11.58
N SER A 269 -8.85 -3.75 12.25
CA SER A 269 -8.93 -3.76 13.72
C SER A 269 -8.50 -5.14 14.24
N LEU A 270 -8.84 -6.21 13.52
CA LEU A 270 -8.48 -7.60 13.91
C LEU A 270 -6.95 -7.73 13.87
N LEU A 271 -6.30 -7.10 12.90
CA LEU A 271 -4.82 -7.15 12.76
C LEU A 271 -4.20 -6.24 13.82
N ALA A 272 -4.87 -5.13 14.15
CA ALA A 272 -4.35 -4.12 15.11
C ALA A 272 -4.36 -4.72 16.51
N LEU A 273 -5.51 -5.20 16.95
CA LEU A 273 -5.63 -5.81 18.32
C LEU A 273 -4.71 -7.03 18.39
N GLY A 274 -4.67 -7.84 17.34
CA GLY A 274 -3.93 -9.12 17.32
C GLY A 274 -2.42 -8.90 17.41
N ASN A 275 -1.93 -7.81 16.84
CA ASN A 275 -0.47 -7.48 16.79
C ASN A 275 -0.12 -6.63 18.02
N VAL A 276 -1.14 -6.05 18.66
CA VAL A 276 -0.99 -5.43 20.01
C VAL A 276 -0.81 -6.57 21.00
N ILE A 277 -1.44 -7.71 20.72
CA ILE A 277 -1.23 -8.96 21.42
C ILE A 277 0.18 -9.47 21.20
N ASN A 278 0.69 -9.41 19.98
CA ASN A 278 2.05 -9.85 19.77
C ASN A 278 3.04 -8.95 20.54
N ALA A 279 2.73 -7.65 20.62
CA ALA A 279 3.56 -6.73 21.39
C ALA A 279 3.52 -7.09 22.87
N LEU A 280 2.33 -7.48 23.35
CA LEU A 280 2.12 -7.92 24.72
C LEU A 280 2.90 -9.19 24.96
N VAL A 281 3.00 -10.05 23.96
CA VAL A 281 3.81 -11.25 24.13
C VAL A 281 5.27 -10.86 24.33
N SER A 282 5.80 -9.91 23.54
CA SER A 282 7.19 -9.50 23.73
C SER A 282 7.41 -8.90 25.12
N ARG A 283 6.47 -8.07 25.55
CA ARG A 283 6.49 -7.48 26.87
C ARG A 283 6.48 -8.55 27.96
N SER A 284 5.57 -9.50 27.81
CA SER A 284 5.35 -10.58 28.76
C SER A 284 6.59 -11.45 28.83
N LYS A 285 7.18 -11.71 27.66
CA LYS A 285 8.43 -12.46 27.53
C LYS A 285 9.51 -11.77 28.34
N GLY A 286 9.49 -10.44 28.31
CA GLY A 286 10.48 -9.66 29.01
C GLY A 286 11.72 -9.52 28.16
N THR A 287 11.52 -9.40 26.85
CA THR A 287 12.65 -9.30 25.96
C THR A 287 13.12 -7.85 25.80
N SER A 288 14.08 -7.65 24.91
CA SER A 288 14.74 -6.35 24.70
C SER A 288 13.86 -5.30 24.03
N LYS A 289 12.72 -5.72 23.50
CA LYS A 289 11.81 -4.84 22.80
C LYS A 289 10.97 -4.01 23.77
N SER A 290 11.65 -3.12 24.49
CA SER A 290 11.02 -2.28 25.49
C SER A 290 10.56 -0.98 24.86
N ASN A 291 9.24 -0.89 24.63
CA ASN A 291 8.64 0.24 23.90
C ASN A 291 7.23 0.50 24.41
N PHE A 292 6.40 1.21 23.66
CA PHE A 292 4.97 1.44 24.01
C PHE A 292 4.13 0.54 23.09
N ILE A 293 3.28 -0.32 23.66
CA ILE A 293 2.46 -1.27 22.86
C ILE A 293 1.44 -0.48 22.06
N PRO A 294 1.14 -0.84 20.78
CA PRO A 294 0.26 -0.02 19.94
C PRO A 294 -1.24 -0.16 20.21
N PHE A 295 -1.69 0.08 21.45
CA PHE A 295 -3.13 0.02 21.81
C PHE A 295 -3.88 1.17 21.13
N ARG A 296 -3.18 2.26 20.80
CA ARG A 296 -3.82 3.47 20.22
C ARG A 296 -4.14 3.24 18.75
N ASP A 297 -3.62 2.17 18.14
CA ASP A 297 -3.99 1.84 16.76
C ASP A 297 -5.49 1.61 16.52
N SER A 298 -6.28 1.31 17.55
CA SER A 298 -7.72 1.11 17.33
C SER A 298 -8.57 1.41 18.56
N LYS A 299 -9.85 1.78 18.36
CA LYS A 299 -10.71 2.03 19.52
C LYS A 299 -10.95 0.74 20.29
N LEU A 300 -10.96 -0.35 19.54
CA LEU A 300 -11.13 -1.66 20.13
C LEU A 300 -10.02 -1.89 21.13
N THR A 301 -8.79 -1.72 20.65
CA THR A 301 -7.66 -2.02 21.49
C THR A 301 -7.50 -1.04 22.63
N ARG A 302 -7.70 0.25 22.35
CA ARG A 302 -7.52 1.25 23.38
C ARG A 302 -8.43 0.98 24.55
N LEU A 303 -9.66 0.59 24.29
CA LEU A 303 -10.55 0.31 25.39
C LEU A 303 -10.08 -0.96 26.12
N LEU A 304 -9.69 -1.98 25.36
CA LEU A 304 -9.24 -3.26 25.91
C LEU A 304 -7.96 -3.11 26.74
N LYS A 305 -7.16 -2.07 26.43
CA LYS A 305 -5.90 -1.72 27.09
C LYS A 305 -5.93 -1.88 28.59
N ASP A 306 -7.01 -1.43 29.21
CA ASP A 306 -7.09 -1.45 30.68
C ASP A 306 -6.98 -2.87 31.24
N SER A 307 -7.43 -3.85 30.46
CA SER A 307 -7.35 -5.22 30.92
C SER A 307 -6.16 -5.90 30.27
N LEU A 308 -5.78 -5.49 29.06
CA LEU A 308 -4.68 -6.13 28.35
C LEU A 308 -3.35 -6.00 29.09
N GLY A 309 -3.11 -4.85 29.70
CA GLY A 309 -1.88 -4.63 30.45
C GLY A 309 -2.13 -4.40 31.94
N GLY A 310 -3.28 -4.82 32.44
CA GLY A 310 -3.62 -4.55 33.85
C GLY A 310 -3.30 -5.68 34.82
N ASN A 311 -3.82 -5.54 36.04
CA ASN A 311 -3.63 -6.54 37.09
C ASN A 311 -4.65 -7.61 36.79
N CYS A 312 -4.30 -8.47 35.83
CA CYS A 312 -5.30 -9.34 35.26
C CYS A 312 -4.87 -10.72 34.83
N LYS A 313 -5.89 -11.50 34.46
CA LYS A 313 -5.71 -12.79 33.80
C LYS A 313 -6.42 -12.70 32.46
N THR A 314 -5.82 -13.21 31.41
CA THR A 314 -6.51 -13.13 30.14
C THR A 314 -6.58 -14.50 29.48
N LEU A 315 -7.52 -14.62 28.56
CA LEU A 315 -7.71 -15.85 27.83
C LEU A 315 -8.11 -15.64 26.41
N MET A 316 -7.48 -16.34 25.51
CA MET A 316 -7.97 -16.32 24.16
C MET A 316 -8.59 -17.67 23.87
N ILE A 317 -9.78 -17.66 23.28
CA ILE A 317 -10.41 -18.92 22.91
C ILE A 317 -10.48 -18.96 21.41
N ALA A 318 -9.57 -19.70 20.81
CA ALA A 318 -9.61 -19.70 19.37
C ALA A 318 -10.77 -20.57 19.00
N ASN A 319 -11.41 -20.26 17.92
CA ASN A 319 -12.52 -21.08 17.46
C ASN A 319 -12.24 -21.57 16.04
N ILE A 320 -12.17 -22.90 15.90
CA ILE A 320 -11.80 -23.50 14.63
C ILE A 320 -12.76 -24.59 14.14
N SER A 321 -12.61 -25.02 12.87
CA SER A 321 -13.46 -26.10 12.33
C SER A 321 -12.65 -27.32 11.95
N PRO A 322 -13.16 -28.54 12.21
CA PRO A 322 -12.54 -29.80 11.90
C PRO A 322 -12.50 -30.12 10.44
N SER A 323 -13.29 -29.41 9.63
CA SER A 323 -13.38 -29.73 8.21
C SER A 323 -12.21 -29.31 7.33
N HIS A 324 -11.89 -30.17 6.36
CA HIS A 324 -10.92 -29.82 5.30
C HIS A 324 -11.32 -28.53 4.60
N LEU A 325 -12.63 -28.31 4.51
CA LEU A 325 -13.21 -27.18 3.82
C LEU A 325 -12.72 -25.86 4.41
N SER A 326 -12.40 -25.87 5.71
CA SER A 326 -11.98 -24.69 6.43
C SER A 326 -10.48 -24.57 6.56
N TYR A 327 -9.71 -25.50 5.98
CA TYR A 327 -8.26 -25.51 6.23
C TYR A 327 -7.60 -24.15 6.17
N GLU A 328 -7.91 -23.34 5.16
CA GLU A 328 -7.37 -21.95 5.11
C GLU A 328 -7.70 -21.28 6.44
N ASP A 329 -8.97 -21.25 6.83
CA ASP A 329 -9.43 -20.60 8.09
C ASP A 329 -8.73 -21.25 9.28
N THR A 330 -8.83 -22.57 9.45
CA THR A 330 -8.24 -23.30 10.60
C THR A 330 -6.73 -23.07 10.61
N HIS A 331 -6.11 -22.93 9.42
CA HIS A 331 -4.64 -22.73 9.28
C HIS A 331 -4.23 -21.34 9.77
N ASN A 332 -4.98 -20.29 9.40
CA ASN A 332 -4.60 -18.89 9.75
C ASN A 332 -4.98 -18.59 11.21
N THR A 333 -6.14 -19.03 11.66
CA THR A 333 -6.62 -18.79 13.02
C THR A 333 -5.63 -19.40 14.01
N LEU A 334 -5.21 -20.63 13.75
CA LEU A 334 -4.26 -21.31 14.59
C LEU A 334 -2.84 -20.74 14.52
N LYS A 335 -2.42 -20.25 13.36
CA LYS A 335 -1.09 -19.68 13.26
C LYS A 335 -0.99 -18.54 14.26
N TYR A 336 -2.00 -17.68 14.22
CA TYR A 336 -2.07 -16.58 15.15
C TYR A 336 -2.05 -17.08 16.58
N ALA A 337 -2.87 -18.10 16.87
CA ALA A 337 -2.94 -18.61 18.23
C ALA A 337 -1.56 -19.07 18.72
N ASN A 338 -0.74 -19.72 17.87
CA ASN A 338 0.60 -20.05 18.34
C ASN A 338 1.40 -18.80 18.70
N ARG A 339 1.22 -17.72 17.93
CA ARG A 339 1.98 -16.51 18.21
C ARG A 339 1.52 -15.83 19.49
N ALA A 340 0.21 -15.83 19.73
CA ALA A 340 -0.37 -15.21 20.93
C ALA A 340 0.11 -15.94 22.19
N LYS A 341 0.16 -17.27 22.06
CA LYS A 341 0.64 -18.18 23.09
C LYS A 341 2.17 -18.14 23.20
N MET B 1 -4.31 -19.72 -39.00
CA MET B 1 -3.98 -20.93 -38.17
C MET B 1 -3.26 -20.50 -36.88
N ARG B 2 -2.07 -21.07 -36.62
CA ARG B 2 -1.08 -20.60 -35.61
C ARG B 2 -1.10 -19.11 -35.18
N GLU B 3 -1.76 -18.80 -34.07
CA GLU B 3 -1.90 -17.41 -33.63
C GLU B 3 -1.63 -17.21 -32.14
N CYS B 4 -1.05 -16.06 -31.77
CA CYS B 4 -0.66 -15.78 -30.40
C CYS B 4 -1.35 -14.50 -29.98
N ILE B 5 -2.00 -14.58 -28.81
CA ILE B 5 -2.71 -13.46 -28.22
C ILE B 5 -1.84 -12.81 -27.15
N SER B 6 -1.62 -11.50 -27.28
CA SER B 6 -0.77 -10.75 -26.35
C SER B 6 -1.60 -9.97 -25.34
N ILE B 7 -1.30 -10.10 -24.05
CA ILE B 7 -1.97 -9.32 -23.01
C ILE B 7 -0.94 -8.45 -22.30
N HIS B 8 -1.18 -7.14 -22.28
CA HIS B 8 -0.23 -6.18 -21.69
C HIS B 8 -0.87 -5.51 -20.49
N VAL B 9 -0.33 -5.83 -19.32
CA VAL B 9 -0.92 -5.41 -18.04
C VAL B 9 -0.07 -4.41 -17.27
N GLY B 10 -0.71 -3.33 -16.81
CA GLY B 10 -0.05 -2.29 -16.02
C GLY B 10 0.93 -1.47 -16.84
N GLN B 11 1.70 -0.59 -16.18
CA GLN B 11 2.52 0.41 -16.86
C GLN B 11 3.63 -0.27 -17.66
N ALA B 12 4.36 -1.12 -16.95
CA ALA B 12 5.49 -1.84 -17.49
C ALA B 12 5.08 -2.67 -18.70
N GLY B 13 3.98 -3.41 -18.49
CA GLY B 13 3.43 -4.30 -19.52
C GLY B 13 3.07 -3.49 -20.75
N VAL B 14 2.43 -2.34 -20.53
CA VAL B 14 1.99 -1.48 -21.62
C VAL B 14 3.21 -1.00 -22.40
N GLN B 15 4.23 -0.58 -21.68
CA GLN B 15 5.34 0.14 -22.33
C GLN B 15 6.19 -0.86 -23.12
N ILE B 16 6.42 -2.04 -22.54
CA ILE B 16 7.11 -3.15 -23.25
C ILE B 16 6.32 -3.50 -24.51
N GLY B 17 5.00 -3.60 -24.35
CA GLY B 17 4.10 -3.95 -25.42
C GLY B 17 4.18 -2.95 -26.53
N ASN B 18 4.26 -1.65 -26.21
CA ASN B 18 4.37 -0.61 -27.24
C ASN B 18 5.57 -0.89 -28.15
N ALA B 19 6.70 -1.13 -27.49
CA ALA B 19 7.96 -1.41 -28.17
C ALA B 19 7.82 -2.62 -29.07
N CYS B 20 7.22 -3.67 -28.51
CA CYS B 20 7.01 -4.93 -29.20
C CYS B 20 6.22 -4.72 -30.48
N TRP B 21 5.14 -3.93 -30.35
CA TRP B 21 4.25 -3.70 -31.48
C TRP B 21 4.89 -2.80 -32.53
N GLU B 22 5.76 -1.88 -32.10
CA GLU B 22 6.56 -1.06 -33.01
C GLU B 22 7.44 -1.97 -33.84
N LEU B 23 8.09 -2.93 -33.15
CA LEU B 23 9.01 -3.87 -33.77
C LEU B 23 8.32 -4.80 -34.75
N TYR B 24 7.16 -5.34 -34.34
CA TYR B 24 6.40 -6.26 -35.18
C TYR B 24 5.97 -5.60 -36.49
N CYS B 25 5.50 -4.35 -36.37
CA CYS B 25 5.04 -3.57 -37.49
C CYS B 25 6.15 -3.42 -38.52
N LEU B 26 7.33 -3.07 -38.03
CA LEU B 26 8.51 -2.88 -38.89
C LEU B 26 8.93 -4.19 -39.55
N GLU B 27 8.86 -5.26 -38.76
CA GLU B 27 9.21 -6.61 -39.22
C GLU B 27 8.31 -7.02 -40.38
N HIS B 28 6.99 -6.84 -40.24
CA HIS B 28 6.04 -7.29 -41.25
C HIS B 28 5.61 -6.24 -42.29
N GLY B 29 6.15 -5.03 -42.17
CA GLY B 29 5.85 -3.94 -43.09
C GLY B 29 4.46 -3.37 -42.93
N ILE B 30 3.93 -3.43 -41.70
CA ILE B 30 2.63 -2.83 -41.35
C ILE B 30 2.92 -1.40 -40.91
N GLN B 31 2.22 -0.44 -41.49
CA GLN B 31 2.37 0.99 -41.11
C GLN B 31 1.64 1.28 -39.79
N PRO B 32 1.94 2.41 -39.11
CA PRO B 32 1.26 2.71 -37.84
C PRO B 32 -0.27 2.88 -37.91
N ASP B 33 -0.82 2.98 -39.13
CA ASP B 33 -2.27 3.08 -39.36
C ASP B 33 -2.94 1.73 -39.66
N GLY B 34 -2.16 0.64 -39.61
CA GLY B 34 -2.66 -0.72 -39.88
C GLY B 34 -2.55 -1.16 -41.32
N GLN B 35 -2.17 -0.25 -42.22
CA GLN B 35 -2.08 -0.54 -43.65
C GLN B 35 -0.72 -1.15 -44.01
N MET B 36 -0.72 -1.98 -45.05
CA MET B 36 0.50 -2.54 -45.64
C MET B 36 0.57 -2.18 -47.14
N PRO B 37 1.64 -1.48 -47.58
CA PRO B 37 1.73 -1.11 -49.00
C PRO B 37 2.27 -2.24 -49.89
N ASP B 38 -0.38 -15.23 -45.34
CA ASP B 38 0.91 -14.68 -44.98
C ASP B 38 1.09 -14.66 -43.44
N SER B 39 2.34 -14.89 -43.01
CA SER B 39 2.71 -15.22 -41.61
C SER B 39 2.37 -14.17 -40.54
N PHE B 40 2.30 -12.88 -40.93
CA PHE B 40 1.95 -11.78 -40.01
C PHE B 40 0.62 -12.02 -39.30
N ASN B 41 -0.21 -12.88 -39.90
CA ASN B 41 -1.51 -13.35 -39.36
C ASN B 41 -1.44 -13.99 -37.99
N THR B 42 -0.26 -14.47 -37.61
CA THR B 42 0.01 -15.01 -36.26
C THR B 42 -0.13 -13.93 -35.18
N PHE B 43 0.15 -12.67 -35.57
CA PHE B 43 0.01 -11.51 -34.64
C PHE B 43 -1.09 -10.52 -34.95
N PHE B 44 -1.59 -10.53 -36.18
CA PHE B 44 -2.57 -9.57 -36.62
C PHE B 44 -3.79 -10.25 -37.25
N SER B 45 -4.97 -9.69 -36.95
CA SER B 45 -6.18 -10.02 -37.70
C SER B 45 -6.21 -9.07 -38.88
N GLU B 46 -6.91 -9.45 -39.94
CA GLU B 46 -7.01 -8.63 -41.13
C GLU B 46 -8.50 -8.37 -41.38
N THR B 47 -8.87 -7.10 -41.56
CA THR B 47 -10.25 -6.67 -41.67
C THR B 47 -10.41 -5.81 -42.90
N GLY B 48 -11.24 -6.26 -43.85
CA GLY B 48 -11.52 -5.52 -45.07
C GLY B 48 -10.28 -5.27 -45.91
N ALA B 49 -10.19 -4.07 -46.46
CA ALA B 49 -9.06 -3.66 -47.30
C ALA B 49 -8.19 -2.63 -46.58
N GLY B 50 -6.87 -2.81 -46.67
CA GLY B 50 -5.90 -1.88 -46.10
C GLY B 50 -5.94 -1.73 -44.59
N LYS B 51 -6.02 -2.85 -43.89
CA LYS B 51 -6.05 -2.85 -42.43
C LYS B 51 -5.56 -4.16 -41.86
N HIS B 52 -4.77 -4.06 -40.79
CA HIS B 52 -4.36 -5.20 -39.97
C HIS B 52 -4.40 -4.77 -38.51
N VAL B 53 -4.96 -5.61 -37.64
CA VAL B 53 -5.12 -5.25 -36.23
C VAL B 53 -4.45 -6.25 -35.27
N PRO B 54 -3.59 -5.75 -34.38
CA PRO B 54 -2.89 -6.63 -33.45
C PRO B 54 -3.84 -7.50 -32.62
N ARG B 55 -3.46 -8.77 -32.41
CA ARG B 55 -4.18 -9.70 -31.56
C ARG B 55 -3.71 -9.43 -30.15
N ALA B 56 -4.09 -8.27 -29.63
CA ALA B 56 -3.61 -7.82 -28.32
C ALA B 56 -4.66 -7.09 -27.50
N VAL B 57 -4.55 -7.22 -26.18
CA VAL B 57 -5.37 -6.52 -25.20
C VAL B 57 -4.42 -5.78 -24.26
N PHE B 58 -4.69 -4.49 -24.07
CA PHE B 58 -3.89 -3.59 -23.24
C PHE B 58 -4.78 -3.25 -22.06
N VAL B 59 -4.27 -3.45 -20.86
CA VAL B 59 -5.04 -3.30 -19.62
C VAL B 59 -4.23 -2.51 -18.60
N ASP B 60 -4.89 -1.56 -17.96
CA ASP B 60 -4.28 -0.74 -16.91
C ASP B 60 -5.41 -0.22 -16.06
N LEU B 61 -5.20 -0.09 -14.76
CA LEU B 61 -6.25 0.39 -13.84
C LEU B 61 -6.38 1.93 -13.80
N GLU B 62 -5.34 2.62 -14.33
CA GLU B 62 -5.31 4.09 -14.53
C GLU B 62 -5.63 4.37 -15.98
N PRO B 63 -5.96 5.62 -16.32
CA PRO B 63 -5.97 5.96 -17.76
C PRO B 63 -4.64 6.39 -18.42
N THR B 64 -3.69 6.90 -17.63
CA THR B 64 -2.51 7.68 -18.08
C THR B 64 -1.63 7.04 -19.13
N VAL B 65 -1.22 5.80 -18.90
CA VAL B 65 -0.29 5.12 -19.81
C VAL B 65 -0.96 4.74 -21.13
N ILE B 66 -2.17 4.17 -21.04
CA ILE B 66 -3.00 3.82 -22.19
C ILE B 66 -3.41 5.07 -22.97
N ASP B 67 -3.71 6.15 -22.23
CA ASP B 67 -4.12 7.38 -22.90
C ASP B 67 -3.05 7.92 -23.85
N GLU B 68 -1.78 7.67 -23.52
CA GLU B 68 -0.68 8.01 -24.40
C GLU B 68 -0.80 7.25 -25.71
N VAL B 69 -1.13 5.97 -25.61
CA VAL B 69 -1.30 5.11 -26.78
C VAL B 69 -2.43 5.67 -27.66
N ARG B 70 -3.52 6.06 -27.01
CA ARG B 70 -4.67 6.59 -27.73
C ARG B 70 -4.28 7.87 -28.46
N THR B 71 -3.52 8.73 -27.80
CA THR B 71 -3.22 10.01 -28.43
C THR B 71 -2.19 9.75 -29.54
N GLY B 72 -1.25 8.84 -29.28
CA GLY B 72 0.02 8.77 -29.98
C GLY B 72 0.07 8.19 -31.39
N THR B 73 1.30 7.85 -31.81
CA THR B 73 1.68 7.41 -33.16
C THR B 73 0.89 6.22 -33.69
N TYR B 74 0.64 5.24 -32.80
CA TYR B 74 -0.07 3.99 -33.11
C TYR B 74 -1.55 3.96 -32.67
N ARG B 75 -2.21 5.12 -32.61
CA ARG B 75 -3.63 5.26 -32.26
C ARG B 75 -4.58 4.53 -33.22
N GLN B 76 -4.21 4.50 -34.50
CA GLN B 76 -5.00 3.85 -35.55
C GLN B 76 -4.75 2.34 -35.64
N LEU B 77 -3.62 1.89 -35.09
CA LEU B 77 -3.25 0.47 -35.13
C LEU B 77 -4.17 -0.40 -34.30
N PHE B 78 -4.48 0.05 -33.09
CA PHE B 78 -5.37 -0.66 -32.17
C PHE B 78 -6.79 -0.07 -32.25
N HIS B 79 -7.82 -0.92 -32.18
CA HIS B 79 -9.17 -0.40 -32.11
C HIS B 79 -9.45 -0.08 -30.66
N PRO B 80 -10.28 0.94 -30.39
CA PRO B 80 -10.45 1.41 -29.01
C PRO B 80 -10.87 0.36 -27.98
N GLU B 81 -11.68 -0.62 -28.38
CA GLU B 81 -12.21 -1.65 -27.49
C GLU B 81 -11.13 -2.63 -26.96
N GLN B 82 -9.94 -2.66 -27.56
CA GLN B 82 -8.83 -3.51 -27.08
C GLN B 82 -7.92 -2.84 -26.04
N LEU B 83 -8.16 -1.53 -25.83
CA LEU B 83 -7.47 -0.70 -24.83
C LEU B 83 -8.44 -0.47 -23.67
N ILE B 84 -8.19 -1.19 -22.58
CA ILE B 84 -9.05 -1.20 -21.38
C ILE B 84 -8.40 -0.44 -20.21
N THR B 85 -9.21 0.45 -19.65
CA THR B 85 -8.78 1.45 -18.69
C THR B 85 -9.82 1.55 -17.57
N GLY B 86 -9.35 1.56 -16.33
CA GLY B 86 -10.19 1.77 -15.16
C GLY B 86 -10.11 3.24 -14.81
N LYS B 87 -10.46 3.56 -13.57
CA LYS B 87 -10.42 4.95 -13.13
C LYS B 87 -9.40 5.20 -12.04
N GLU B 88 -9.24 4.23 -11.14
CA GLU B 88 -8.25 4.31 -10.03
C GLU B 88 -7.25 3.16 -10.18
N ASP B 89 -5.98 3.38 -9.80
CA ASP B 89 -4.91 2.36 -9.94
C ASP B 89 -4.91 1.41 -8.74
N ALA B 90 -4.11 0.34 -8.75
CA ALA B 90 -3.96 -0.59 -7.62
C ALA B 90 -3.10 0.08 -6.54
N ALA B 91 -2.47 1.22 -6.84
CA ALA B 91 -1.63 1.98 -5.89
C ALA B 91 -0.56 1.08 -5.27
N ASN B 92 0.16 0.30 -6.08
CA ASN B 92 1.25 -0.56 -5.59
C ASN B 92 0.79 -1.54 -4.51
N ASN B 93 -0.50 -1.89 -4.58
CA ASN B 93 -1.15 -2.73 -3.60
C ASN B 93 -1.78 -3.94 -4.31
N TYR B 94 -1.24 -5.12 -3.99
CA TYR B 94 -1.67 -6.40 -4.57
C TYR B 94 -3.15 -6.60 -4.37
N ALA B 95 -3.64 -6.25 -3.18
CA ALA B 95 -5.02 -6.45 -2.81
C ALA B 95 -5.95 -5.69 -3.74
N ARG B 96 -5.59 -4.44 -4.00
CA ARG B 96 -6.40 -3.59 -4.89
C ARG B 96 -6.46 -4.18 -6.28
N GLY B 97 -5.31 -4.68 -6.75
CA GLY B 97 -5.21 -5.35 -8.04
C GLY B 97 -6.08 -6.62 -8.16
N HIS B 98 -5.90 -7.53 -7.22
CA HIS B 98 -6.59 -8.82 -7.18
C HIS B 98 -8.04 -8.72 -6.77
N TYR B 99 -8.36 -7.85 -5.83
CA TYR B 99 -9.72 -7.81 -5.24
C TYR B 99 -10.46 -6.48 -5.53
N THR B 100 -10.28 -5.48 -4.64
CA THR B 100 -11.02 -4.20 -4.63
C THR B 100 -11.24 -3.54 -6.00
N ILE B 101 -10.17 -3.33 -6.77
CA ILE B 101 -10.26 -2.65 -8.07
C ILE B 101 -10.40 -3.63 -9.25
N GLY B 102 -9.62 -4.72 -9.21
CA GLY B 102 -9.59 -5.78 -10.24
C GLY B 102 -10.89 -6.51 -10.51
N LYS B 103 -11.65 -6.80 -9.45
CA LYS B 103 -12.95 -7.49 -9.57
C LYS B 103 -13.99 -6.70 -10.37
N GLU B 104 -13.78 -5.39 -10.56
CA GLU B 104 -14.68 -4.53 -11.35
C GLU B 104 -14.48 -4.61 -12.87
N ILE B 105 -13.28 -5.00 -13.30
CA ILE B 105 -12.84 -4.90 -14.70
C ILE B 105 -12.52 -6.26 -15.34
N ILE B 106 -12.41 -7.32 -14.52
CA ILE B 106 -11.88 -8.60 -14.99
C ILE B 106 -12.82 -9.25 -15.99
N ASP B 107 -14.12 -9.19 -15.70
CA ASP B 107 -15.14 -9.77 -16.56
C ASP B 107 -15.08 -9.20 -17.96
N LEU B 108 -14.98 -7.87 -18.01
CA LEU B 108 -14.95 -7.11 -19.25
C LEU B 108 -13.77 -7.57 -20.11
N VAL B 109 -12.61 -7.64 -19.46
CA VAL B 109 -11.39 -8.02 -20.18
C VAL B 109 -11.51 -9.46 -20.68
N LEU B 110 -12.08 -10.32 -19.86
CA LEU B 110 -12.27 -11.71 -20.25
C LEU B 110 -13.15 -11.82 -21.47
N ASP B 111 -14.22 -11.03 -21.49
CA ASP B 111 -15.19 -11.08 -22.59
C ASP B 111 -14.49 -10.70 -23.90
N ARG B 112 -13.70 -9.63 -23.82
CA ARG B 112 -12.96 -9.12 -24.97
C ARG B 112 -11.99 -10.18 -25.46
N ILE B 113 -11.31 -10.83 -24.53
CA ILE B 113 -10.35 -11.89 -24.86
C ILE B 113 -11.05 -13.02 -25.60
N ARG B 114 -12.22 -13.40 -25.08
CA ARG B 114 -13.01 -14.47 -25.69
C ARG B 114 -13.41 -14.12 -27.11
N LYS B 115 -13.82 -12.86 -27.29
CA LYS B 115 -14.16 -12.35 -28.62
C LYS B 115 -12.96 -12.48 -29.56
N LEU B 116 -11.80 -12.08 -29.04
CA LEU B 116 -10.56 -12.11 -29.81
C LEU B 116 -10.23 -13.53 -30.19
N ALA B 117 -10.37 -14.43 -29.22
CA ALA B 117 -9.96 -15.83 -29.41
C ALA B 117 -10.86 -16.57 -30.39
N ASP B 118 -12.14 -16.19 -30.40
CA ASP B 118 -13.12 -16.76 -31.34
C ASP B 118 -12.81 -16.45 -32.81
N GLN B 119 -12.07 -15.37 -33.05
CA GLN B 119 -11.64 -14.95 -34.38
C GLN B 119 -10.40 -15.72 -34.87
N CYS B 120 -9.73 -16.44 -33.95
CA CYS B 120 -8.53 -17.21 -34.29
C CYS B 120 -8.85 -18.70 -34.36
N THR B 121 -8.30 -19.37 -35.37
CA THR B 121 -8.70 -20.73 -35.72
C THR B 121 -7.66 -21.74 -35.27
N GLY B 122 -6.45 -21.27 -34.91
CA GLY B 122 -5.36 -22.12 -34.44
C GLY B 122 -4.58 -21.53 -33.29
N LEU B 123 -5.30 -21.20 -32.22
CA LEU B 123 -4.73 -20.57 -31.02
C LEU B 123 -3.56 -21.37 -30.43
N GLN B 124 -2.36 -20.77 -30.44
CA GLN B 124 -1.15 -21.36 -29.85
C GLN B 124 -1.14 -21.12 -28.34
N GLY B 125 -1.64 -19.95 -27.95
CA GLY B 125 -1.68 -19.53 -26.56
C GLY B 125 -1.49 -18.03 -26.35
N PHE B 126 -1.11 -17.69 -25.12
CA PHE B 126 -1.05 -16.31 -24.62
C PHE B 126 0.35 -15.87 -24.15
N LEU B 127 0.69 -14.62 -24.49
CA LEU B 127 1.89 -13.92 -24.05
C LEU B 127 1.44 -12.82 -23.11
N VAL B 128 1.82 -12.90 -21.84
CA VAL B 128 1.37 -11.97 -20.82
C VAL B 128 2.53 -11.11 -20.32
N PHE B 129 2.41 -9.80 -20.46
CA PHE B 129 3.49 -8.86 -20.12
C PHE B 129 3.11 -8.03 -18.91
N HIS B 130 3.94 -8.03 -17.88
CA HIS B 130 3.65 -7.35 -16.62
C HIS B 130 4.87 -7.22 -15.70
N SER B 131 4.67 -6.78 -14.48
CA SER B 131 5.75 -6.80 -13.50
C SER B 131 5.27 -7.52 -12.24
N PHE B 132 6.21 -7.97 -11.42
CA PHE B 132 5.87 -8.64 -10.18
C PHE B 132 5.60 -7.65 -9.05
N GLY B 133 6.23 -6.46 -9.11
CA GLY B 133 6.18 -5.42 -8.07
C GLY B 133 4.96 -4.49 -7.95
N GLY B 134 4.30 -4.18 -9.07
CA GLY B 134 3.17 -3.26 -9.08
C GLY B 134 1.90 -3.94 -8.60
N GLY B 135 0.97 -3.14 -8.09
CA GLY B 135 -0.30 -3.66 -7.61
C GLY B 135 -1.15 -4.29 -8.72
N THR B 136 -1.09 -3.70 -9.91
CA THR B 136 -1.81 -4.17 -11.09
C THR B 136 -1.08 -5.37 -11.68
N GLY B 137 0.20 -5.18 -11.98
CA GLY B 137 1.05 -6.22 -12.51
C GLY B 137 1.04 -7.48 -11.67
N SER B 138 0.93 -7.36 -10.35
CA SER B 138 0.82 -8.54 -9.48
C SER B 138 -0.66 -8.99 -9.32
N GLY B 139 -1.43 -8.15 -8.63
CA GLY B 139 -2.74 -8.50 -8.14
C GLY B 139 -3.66 -8.79 -9.31
N PHE B 140 -3.66 -7.88 -10.28
CA PHE B 140 -4.57 -8.06 -11.41
C PHE B 140 -4.18 -9.29 -12.21
N THR B 141 -2.86 -9.46 -12.40
CA THR B 141 -2.40 -10.53 -13.29
C THR B 141 -2.74 -11.87 -12.72
N SER B 142 -2.57 -12.01 -11.40
CA SER B 142 -2.87 -13.28 -10.71
C SER B 142 -4.33 -13.64 -10.91
N LEU B 143 -5.20 -12.66 -10.76
CA LEU B 143 -6.64 -12.87 -10.95
C LEU B 143 -6.92 -13.33 -12.39
N LEU B 144 -6.35 -12.57 -13.34
CA LEU B 144 -6.54 -12.83 -14.75
C LEU B 144 -6.06 -14.22 -15.12
N MET B 145 -4.90 -14.59 -14.59
CA MET B 145 -4.30 -15.89 -14.87
C MET B 145 -5.21 -17.00 -14.41
N GLU B 146 -5.83 -16.85 -13.24
CA GLU B 146 -6.75 -17.86 -12.71
C GLU B 146 -7.92 -18.10 -13.68
N ARG B 147 -8.53 -16.98 -14.05
CA ARG B 147 -9.68 -16.99 -14.95
C ARG B 147 -9.33 -17.63 -16.29
N LEU B 148 -8.19 -17.21 -16.87
CA LEU B 148 -7.73 -17.79 -18.13
C LEU B 148 -7.52 -19.29 -17.99
N SER B 149 -6.93 -19.70 -16.89
CA SER B 149 -6.67 -21.12 -16.64
C SER B 149 -7.96 -21.90 -16.59
N VAL B 150 -8.99 -21.32 -15.95
CA VAL B 150 -10.32 -21.93 -15.86
C VAL B 150 -11.00 -22.06 -17.23
N ASP B 151 -11.14 -20.93 -17.90
CA ASP B 151 -11.80 -20.88 -19.20
C ASP B 151 -11.09 -21.78 -20.22
N TYR B 152 -9.77 -21.67 -20.35
CA TYR B 152 -9.04 -22.35 -21.43
C TYR B 152 -8.22 -23.54 -20.96
N GLY B 153 -7.34 -23.31 -19.99
CA GLY B 153 -6.59 -24.39 -19.34
C GLY B 153 -5.48 -24.98 -20.17
N LYS B 154 -5.85 -25.82 -21.13
CA LYS B 154 -4.88 -26.58 -21.92
C LYS B 154 -4.10 -25.72 -22.92
N LYS B 155 -4.67 -24.59 -23.33
CA LYS B 155 -3.93 -23.59 -24.12
C LYS B 155 -2.79 -23.00 -23.31
N SER B 156 -1.63 -22.90 -23.95
CA SER B 156 -0.38 -22.51 -23.30
C SER B 156 -0.40 -21.08 -22.75
N LYS B 157 0.27 -20.90 -21.62
CA LYS B 157 0.43 -19.60 -20.97
C LYS B 157 1.92 -19.28 -20.77
N LEU B 158 2.32 -18.11 -21.28
CA LEU B 158 3.68 -17.59 -21.18
C LEU B 158 3.62 -16.19 -20.59
N GLU B 159 4.43 -15.94 -19.55
CA GLU B 159 4.56 -14.62 -18.96
C GLU B 159 5.99 -14.07 -19.01
N PHE B 160 6.08 -12.81 -19.42
CA PHE B 160 7.33 -12.07 -19.51
C PHE B 160 7.27 -11.01 -18.43
N SER B 161 8.10 -11.18 -17.39
CA SER B 161 7.93 -10.47 -16.12
C SER B 161 9.19 -9.72 -15.73
N ILE B 162 8.98 -8.46 -15.33
CA ILE B 162 10.03 -7.60 -14.83
C ILE B 162 10.18 -7.88 -13.34
N TYR B 163 11.17 -8.70 -13.02
CA TYR B 163 11.48 -9.10 -11.66
C TYR B 163 12.16 -7.94 -10.92
N PRO B 164 11.92 -7.81 -9.60
CA PRO B 164 12.59 -6.74 -8.85
C PRO B 164 14.07 -7.04 -8.58
N ALA B 165 14.90 -6.01 -8.66
CA ALA B 165 16.34 -6.15 -8.49
C ALA B 165 16.71 -6.40 -7.03
N PRO B 166 17.95 -6.89 -6.79
CA PRO B 166 18.49 -6.94 -5.43
C PRO B 166 18.76 -5.56 -4.83
N GLN B 167 19.48 -4.72 -5.57
CA GLN B 167 19.93 -3.42 -5.09
C GLN B 167 18.96 -2.32 -5.52
N VAL B 168 18.84 -2.12 -6.84
CA VAL B 168 18.02 -1.02 -7.42
C VAL B 168 16.52 -1.37 -7.42
N SER B 169 15.78 -0.95 -6.40
CA SER B 169 14.31 -1.15 -6.32
C SER B 169 13.64 0.22 -6.39
N THR B 170 12.65 0.41 -7.29
CA THR B 170 11.99 1.73 -7.49
C THR B 170 10.76 1.83 -6.60
N ALA B 171 10.45 0.77 -5.84
CA ALA B 171 9.29 0.76 -4.90
C ALA B 171 9.72 0.17 -3.57
N VAL B 172 9.01 0.48 -2.48
CA VAL B 172 9.35 0.03 -1.13
C VAL B 172 8.74 -1.33 -0.88
N VAL B 173 7.47 -1.44 -1.27
CA VAL B 173 6.65 -2.63 -0.98
C VAL B 173 6.83 -3.84 -1.97
N GLU B 174 7.76 -3.72 -2.92
CA GLU B 174 8.00 -4.74 -3.94
C GLU B 174 8.05 -6.18 -3.49
N PRO B 175 8.82 -6.48 -2.41
CA PRO B 175 8.88 -7.85 -1.90
C PRO B 175 7.54 -8.48 -1.55
N TYR B 176 6.59 -7.69 -1.03
CA TYR B 176 5.29 -8.24 -0.66
C TYR B 176 4.51 -8.68 -1.90
N ASN B 177 4.46 -7.77 -2.87
CA ASN B 177 3.77 -8.02 -4.12
C ASN B 177 4.37 -9.23 -4.84
N SER B 178 5.69 -9.26 -4.87
CA SER B 178 6.42 -10.30 -5.57
C SER B 178 6.09 -11.68 -4.97
N ILE B 179 6.11 -11.73 -3.65
CA ILE B 179 5.83 -12.98 -2.94
C ILE B 179 4.40 -13.42 -3.24
N LEU B 180 3.48 -12.46 -3.22
CA LEU B 180 2.07 -12.79 -3.38
C LEU B 180 1.75 -13.32 -4.78
N THR B 181 2.28 -12.65 -5.78
CA THR B 181 2.05 -13.07 -7.15
C THR B 181 2.69 -14.43 -7.45
N THR B 182 3.84 -14.71 -6.81
CA THR B 182 4.52 -15.98 -7.06
C THR B 182 3.66 -17.18 -6.76
N HIS B 183 2.90 -17.13 -5.67
CA HIS B 183 1.99 -18.19 -5.27
C HIS B 183 1.02 -18.60 -6.36
N THR B 184 0.33 -17.62 -6.95
CA THR B 184 -0.60 -17.88 -8.06
C THR B 184 0.10 -18.26 -9.35
N THR B 185 1.26 -17.61 -9.58
CA THR B 185 2.10 -17.88 -10.74
C THR B 185 2.45 -19.37 -10.84
N LEU B 186 2.90 -19.91 -9.72
CA LEU B 186 3.29 -21.32 -9.64
C LEU B 186 2.11 -22.21 -9.97
N GLU B 187 0.96 -21.88 -9.43
CA GLU B 187 -0.28 -22.61 -9.64
C GLU B 187 -0.62 -22.67 -11.12
N HIS B 188 -0.50 -21.51 -11.78
CA HIS B 188 -1.10 -21.36 -13.12
C HIS B 188 -0.19 -21.34 -14.36
N SER B 189 0.60 -20.29 -14.54
CA SER B 189 1.39 -20.11 -15.75
C SER B 189 2.35 -21.28 -15.99
N ASP B 190 2.55 -21.60 -17.26
CA ASP B 190 3.23 -22.83 -17.69
C ASP B 190 4.73 -22.65 -17.86
N CYS B 191 5.15 -21.45 -18.25
CA CYS B 191 6.57 -21.08 -18.22
C CYS B 191 6.69 -19.58 -18.11
N ALA B 192 7.61 -19.12 -17.26
CA ALA B 192 7.73 -17.69 -16.93
C ALA B 192 9.17 -17.22 -17.08
N PHE B 193 9.36 -16.19 -17.90
CA PHE B 193 10.68 -15.67 -18.21
C PHE B 193 10.95 -14.43 -17.37
N MET B 194 11.80 -14.57 -16.35
CA MET B 194 12.13 -13.44 -15.50
C MET B 194 13.19 -12.58 -16.16
N VAL B 195 13.10 -11.27 -15.94
CA VAL B 195 14.10 -10.29 -16.38
C VAL B 195 14.30 -9.22 -15.29
N ASP B 196 15.51 -8.67 -15.23
CA ASP B 196 15.87 -7.66 -14.24
C ASP B 196 16.44 -6.38 -14.87
N ASN B 197 15.83 -5.23 -14.53
CA ASN B 197 16.22 -3.93 -15.08
C ASN B 197 17.68 -3.54 -14.84
N GLU B 198 18.20 -3.91 -13.68
CA GLU B 198 19.58 -3.60 -13.32
C GLU B 198 20.55 -4.24 -14.32
N ALA B 199 20.27 -5.51 -14.61
CA ALA B 199 21.09 -6.27 -15.55
C ALA B 199 21.05 -5.63 -16.92
N ILE B 200 19.85 -5.20 -17.33
CA ILE B 200 19.67 -4.57 -18.64
C ILE B 200 20.51 -3.28 -18.70
N TYR B 201 20.47 -2.51 -17.61
CA TYR B 201 21.20 -1.25 -17.50
C TYR B 201 22.67 -1.49 -17.66
N ASP B 202 23.18 -2.50 -16.95
CA ASP B 202 24.60 -2.87 -17.01
C ASP B 202 25.00 -3.18 -18.46
N ILE B 203 24.14 -3.97 -19.11
CA ILE B 203 24.39 -4.38 -20.50
C ILE B 203 24.47 -3.18 -21.41
N CYS B 204 23.55 -2.23 -21.20
CA CYS B 204 23.43 -1.07 -22.09
C CYS B 204 24.66 -0.18 -21.96
N ARG B 205 25.14 -0.01 -20.71
CA ARG B 205 26.35 0.78 -20.43
C ARG B 205 27.61 0.10 -20.92
N ARG B 206 27.81 -1.17 -20.54
CA ARG B 206 29.00 -1.93 -20.92
C ARG B 206 29.07 -2.34 -22.40
N ASN B 207 28.03 -3.00 -22.92
CA ASN B 207 28.01 -3.50 -24.29
C ASN B 207 27.58 -2.50 -25.38
N LEU B 208 26.67 -1.58 -25.06
CA LEU B 208 26.17 -0.61 -26.06
C LEU B 208 26.79 0.79 -25.96
N ASP B 209 27.64 1.01 -24.94
CA ASP B 209 28.35 2.27 -24.70
C ASP B 209 27.41 3.47 -24.43
N ILE B 210 26.26 3.20 -23.79
CA ILE B 210 25.29 4.24 -23.46
C ILE B 210 25.52 4.65 -22.01
N GLU B 211 25.94 5.90 -21.80
CA GLU B 211 26.05 6.51 -20.45
C GLU B 211 24.73 6.43 -19.67
N ARG B 212 23.65 6.89 -20.30
CA ARG B 212 22.36 7.10 -19.64
C ARG B 212 21.21 6.39 -20.41
N PRO B 213 20.98 5.11 -20.11
CA PRO B 213 19.82 4.40 -20.68
C PRO B 213 18.54 4.78 -19.93
N THR B 214 17.49 5.11 -20.71
CA THR B 214 16.13 5.28 -20.18
C THR B 214 15.32 4.01 -20.50
N TYR B 215 14.09 3.96 -19.97
CA TYR B 215 13.24 2.78 -20.09
C TYR B 215 13.01 2.36 -21.52
N THR B 216 12.88 3.35 -22.41
CA THR B 216 12.74 3.11 -23.85
C THR B 216 13.88 2.23 -24.38
N ASN B 217 15.08 2.39 -23.84
CA ASN B 217 16.20 1.56 -24.23
C ASN B 217 16.07 0.12 -23.75
N LEU B 218 15.61 -0.07 -22.53
CA LEU B 218 15.41 -1.41 -22.00
C LEU B 218 14.36 -2.15 -22.79
N ASN B 219 13.22 -1.46 -22.98
CA ASN B 219 12.04 -2.03 -23.61
C ASN B 219 12.36 -2.56 -24.99
N ARG B 220 13.11 -1.79 -25.76
CA ARG B 220 13.52 -2.17 -27.11
C ARG B 220 14.27 -3.50 -27.09
N LEU B 221 15.21 -3.60 -26.15
CA LEU B 221 16.01 -4.80 -25.98
C LEU B 221 15.12 -5.99 -25.65
N ILE B 222 14.19 -5.75 -24.74
CA ILE B 222 13.27 -6.79 -24.25
C ILE B 222 12.42 -7.34 -25.39
N SER B 223 11.90 -6.43 -26.20
CA SER B 223 11.13 -6.75 -27.39
C SER B 223 11.86 -7.68 -28.33
N GLN B 224 13.17 -7.48 -28.47
CA GLN B 224 14.01 -8.31 -29.31
C GLN B 224 13.92 -9.76 -28.91
N ILE B 225 14.00 -10.01 -27.59
CA ILE B 225 13.89 -11.37 -27.05
C ILE B 225 12.55 -12.01 -27.46
N VAL B 226 11.50 -11.24 -27.32
CA VAL B 226 10.15 -11.71 -27.68
C VAL B 226 10.09 -12.08 -29.15
N SER B 227 10.68 -11.21 -29.97
CA SER B 227 10.75 -11.41 -31.42
C SER B 227 11.46 -12.73 -31.73
N SER B 228 12.57 -12.99 -31.05
CA SER B 228 13.31 -14.22 -31.27
C SER B 228 12.46 -15.43 -30.95
N ILE B 229 11.72 -15.34 -29.84
CA ILE B 229 10.84 -16.42 -29.38
C ILE B 229 9.79 -16.71 -30.43
N THR B 230 9.16 -15.65 -30.95
CA THR B 230 8.02 -15.78 -31.90
C THR B 230 8.36 -15.79 -33.41
N ALA B 231 9.62 -15.52 -33.78
CA ALA B 231 10.10 -15.56 -35.17
C ALA B 231 9.92 -16.92 -35.81
N SER B 232 10.00 -18.00 -35.02
CA SER B 232 9.81 -19.39 -35.48
C SER B 232 8.38 -19.64 -35.98
N LEU B 233 7.43 -18.84 -35.47
CA LEU B 233 6.00 -18.85 -35.85
C LEU B 233 5.68 -17.85 -36.95
N ARG B 234 6.38 -16.70 -36.94
CA ARG B 234 6.17 -15.59 -37.90
C ARG B 234 7.02 -15.67 -39.18
N PHE B 235 7.99 -16.58 -39.22
CA PHE B 235 8.79 -16.82 -40.41
C PHE B 235 9.01 -18.29 -40.63
N ASP B 236 9.51 -18.63 -41.83
CA ASP B 236 9.77 -20.01 -42.21
C ASP B 236 11.26 -20.22 -42.34
N GLY B 237 11.84 -20.82 -41.31
CA GLY B 237 13.27 -21.12 -41.25
C GLY B 237 13.63 -22.53 -41.69
N ALA B 238 14.91 -22.85 -41.51
CA ALA B 238 15.45 -24.18 -41.82
C ALA B 238 15.05 -25.22 -40.79
N LEU B 239 15.15 -24.86 -39.51
CA LEU B 239 14.81 -25.73 -38.41
C LEU B 239 14.02 -24.92 -37.37
N ASN B 240 12.81 -25.36 -37.02
CA ASN B 240 11.85 -24.52 -36.28
C ASN B 240 11.39 -25.04 -34.92
N VAL B 241 10.88 -24.11 -34.12
CA VAL B 241 10.42 -24.37 -32.76
C VAL B 241 9.06 -23.73 -32.53
N ASP B 242 8.10 -24.54 -32.07
CA ASP B 242 6.77 -24.08 -31.62
C ASP B 242 6.76 -23.93 -30.11
N LEU B 243 5.71 -23.30 -29.58
CA LEU B 243 5.65 -22.94 -28.16
C LEU B 243 5.48 -24.18 -27.29
N THR B 244 4.61 -25.08 -27.75
CA THR B 244 4.42 -26.38 -27.09
C THR B 244 5.74 -27.15 -27.05
N GLU B 245 6.44 -27.13 -28.18
CA GLU B 245 7.75 -27.79 -28.32
C GLU B 245 8.72 -27.25 -27.28
N PHE B 246 8.74 -25.93 -27.19
CA PHE B 246 9.59 -25.18 -26.27
C PHE B 246 9.34 -25.63 -24.84
N GLN B 247 8.05 -25.69 -24.51
CA GLN B 247 7.59 -26.09 -23.18
C GLN B 247 8.08 -27.49 -22.86
N THR B 248 7.92 -28.38 -23.83
CA THR B 248 8.32 -29.77 -23.69
C THR B 248 9.81 -29.87 -23.41
N ASN B 249 10.58 -29.10 -24.17
CA ASN B 249 12.02 -29.18 -24.05
C ASN B 249 12.49 -28.58 -22.73
N LEU B 250 12.03 -27.37 -22.44
CA LEU B 250 12.70 -26.51 -21.45
C LEU B 250 12.26 -26.69 -20.00
N VAL B 251 11.08 -27.27 -19.79
CA VAL B 251 10.52 -27.44 -18.44
C VAL B 251 10.54 -28.91 -17.97
N PRO B 252 11.51 -29.30 -17.14
CA PRO B 252 11.65 -30.72 -16.79
C PRO B 252 10.66 -31.24 -15.75
N TYR B 253 10.18 -30.36 -14.85
CA TYR B 253 9.15 -30.70 -13.86
C TYR B 253 8.16 -29.54 -13.83
N PRO B 254 6.88 -29.82 -13.53
CA PRO B 254 5.83 -28.78 -13.60
C PRO B 254 6.13 -27.46 -12.86
N ARG B 255 6.67 -27.54 -11.63
CA ARG B 255 6.98 -26.38 -10.80
C ARG B 255 8.21 -25.57 -11.29
N ILE B 256 9.16 -26.26 -11.93
CA ILE B 256 10.44 -25.71 -12.34
C ILE B 256 10.26 -25.14 -13.73
N HIS B 257 9.55 -24.04 -13.78
CA HIS B 257 9.24 -23.41 -15.07
C HIS B 257 9.71 -21.97 -15.17
N PHE B 258 10.89 -21.70 -14.63
CA PHE B 258 11.48 -20.33 -14.68
C PHE B 258 12.81 -20.29 -15.42
N PRO B 259 12.79 -20.26 -16.76
CA PRO B 259 14.05 -20.15 -17.49
C PRO B 259 14.39 -18.69 -17.74
N LEU B 260 15.62 -18.32 -17.40
CA LEU B 260 16.10 -16.96 -17.60
C LEU B 260 16.76 -16.86 -18.97
N ALA B 261 16.36 -15.82 -19.70
CA ALA B 261 16.80 -15.59 -21.07
C ALA B 261 18.06 -14.72 -21.20
N THR B 262 18.60 -14.72 -22.41
CA THR B 262 19.67 -13.81 -22.77
C THR B 262 19.84 -13.70 -24.27
N TYR B 263 20.33 -12.55 -24.69
CA TYR B 263 20.48 -12.23 -26.09
C TYR B 263 21.93 -11.95 -26.47
N ALA B 264 22.28 -12.28 -27.72
CA ALA B 264 23.61 -11.99 -28.29
C ALA B 264 23.55 -11.83 -29.82
N PRO B 265 24.26 -10.84 -30.39
CA PRO B 265 25.11 -9.83 -29.77
C PRO B 265 24.36 -8.53 -29.46
N VAL B 266 24.71 -7.88 -28.35
CA VAL B 266 24.20 -6.55 -28.02
C VAL B 266 25.43 -5.64 -28.14
N ILE B 267 25.52 -4.93 -29.27
CA ILE B 267 26.72 -4.15 -29.61
C ILE B 267 26.38 -2.79 -30.21
N SER B 268 27.36 -1.91 -30.16
CA SER B 268 27.21 -0.57 -30.72
C SER B 268 27.37 -0.65 -32.23
N ALA B 269 27.06 0.47 -32.88
CA ALA B 269 27.22 0.59 -34.33
C ALA B 269 28.69 0.49 -34.73
N GLU B 270 29.54 1.25 -34.05
CA GLU B 270 30.97 1.27 -34.35
C GLU B 270 31.65 -0.04 -33.96
N LYS B 271 31.39 -0.52 -32.75
CA LYS B 271 32.03 -1.74 -32.22
C LYS B 271 31.69 -3.02 -33.02
N ALA B 272 30.65 -2.96 -33.85
CA ALA B 272 30.32 -4.05 -34.79
C ALA B 272 31.28 -4.16 -35.98
N TYR B 273 31.82 -3.04 -36.44
CA TYR B 273 32.71 -3.04 -37.61
C TYR B 273 33.96 -3.86 -37.40
N HIS B 274 34.56 -3.73 -36.22
CA HIS B 274 35.81 -4.42 -35.91
C HIS B 274 35.62 -5.89 -35.56
N GLU B 275 34.55 -6.21 -34.83
CA GLU B 275 34.26 -7.59 -34.46
C GLU B 275 33.73 -8.40 -35.65
N GLN B 276 34.24 -9.62 -35.80
CA GLN B 276 33.75 -10.59 -36.79
C GLN B 276 32.72 -11.49 -36.10
N LEU B 277 31.51 -10.98 -35.92
CA LEU B 277 30.49 -11.63 -35.08
C LEU B 277 30.01 -12.97 -35.66
N SER B 278 30.80 -14.02 -35.44
CA SER B 278 30.53 -15.37 -35.95
C SER B 278 29.52 -16.09 -35.05
N VAL B 279 29.01 -17.23 -35.55
CA VAL B 279 28.09 -18.09 -34.81
C VAL B 279 28.73 -18.58 -33.51
N ALA B 280 29.99 -19.01 -33.62
CA ALA B 280 30.74 -19.51 -32.49
C ALA B 280 30.87 -18.43 -31.44
N GLU B 281 31.30 -17.25 -31.87
CA GLU B 281 31.45 -16.09 -30.98
C GLU B 281 30.19 -15.77 -30.17
N ILE B 282 29.08 -15.59 -30.89
CA ILE B 282 27.82 -15.19 -30.25
C ILE B 282 27.37 -16.26 -29.27
N THR B 283 27.53 -17.53 -29.67
CA THR B 283 27.18 -18.67 -28.82
C THR B 283 27.98 -18.63 -27.54
N ASN B 284 29.28 -18.38 -27.68
CA ASN B 284 30.20 -18.29 -26.54
C ASN B 284 29.78 -17.19 -25.59
N ALA B 285 29.42 -16.05 -26.18
CA ALA B 285 28.98 -14.87 -25.43
C ALA B 285 27.68 -15.11 -24.67
N CYS B 286 26.80 -15.94 -25.23
CA CYS B 286 25.56 -16.32 -24.59
C CYS B 286 25.79 -16.91 -23.20
N PHE B 287 26.82 -17.76 -23.05
CA PHE B 287 27.04 -18.52 -21.82
C PHE B 287 27.96 -17.83 -20.79
N GLU B 288 28.16 -16.52 -21.00
CA GLU B 288 28.92 -15.65 -20.09
C GLU B 288 27.97 -14.97 -19.10
N PRO B 289 28.29 -14.96 -17.78
CA PRO B 289 27.42 -14.32 -16.77
C PRO B 289 27.10 -12.80 -16.92
N ALA B 290 28.03 -12.06 -17.50
CA ALA B 290 27.90 -10.60 -17.68
C ALA B 290 26.78 -10.15 -18.64
N ASN B 291 26.35 -11.03 -19.55
CA ASN B 291 25.33 -10.71 -20.54
C ASN B 291 23.94 -11.21 -20.15
N GLN B 292 23.80 -11.75 -18.93
CA GLN B 292 22.53 -12.25 -18.40
C GLN B 292 21.50 -11.14 -18.11
N MET B 293 20.22 -11.50 -18.22
CA MET B 293 19.09 -10.59 -18.04
C MET B 293 18.62 -10.59 -16.60
N VAL B 294 19.13 -11.52 -15.78
CA VAL B 294 18.85 -11.60 -14.35
C VAL B 294 20.17 -11.66 -13.61
N LYS B 295 20.29 -10.91 -12.51
CA LYS B 295 21.52 -10.86 -11.74
C LYS B 295 21.62 -12.11 -10.88
N CYS B 296 22.70 -12.87 -11.10
CA CYS B 296 22.99 -14.16 -10.45
C CYS B 296 24.26 -14.73 -11.07
N ASP B 297 24.82 -15.74 -10.41
CA ASP B 297 26.02 -16.45 -10.90
C ASP B 297 25.70 -17.90 -11.33
N PRO B 298 25.58 -18.14 -12.66
CA PRO B 298 25.43 -19.51 -13.19
C PRO B 298 26.58 -20.46 -12.84
N ARG B 299 27.80 -19.93 -12.67
CA ARG B 299 28.99 -20.70 -12.29
C ARG B 299 28.78 -21.44 -10.97
N HIS B 300 27.94 -20.86 -10.11
CA HIS B 300 27.55 -21.42 -8.82
C HIS B 300 26.29 -22.29 -8.90
N GLY B 301 25.67 -22.36 -10.07
CA GLY B 301 24.49 -23.22 -10.33
C GLY B 301 24.73 -24.29 -11.39
N LYS B 302 23.69 -25.05 -11.72
CA LYS B 302 23.79 -26.07 -12.76
C LYS B 302 22.68 -25.88 -13.78
N TYR B 303 23.01 -26.10 -15.05
CA TYR B 303 22.02 -26.00 -16.15
C TYR B 303 21.20 -27.28 -16.25
N MET B 304 19.90 -27.17 -16.50
CA MET B 304 19.02 -28.32 -16.60
C MET B 304 18.56 -28.49 -18.04
N ALA B 305 18.34 -27.37 -18.70
CA ALA B 305 18.13 -27.37 -20.15
C ALA B 305 18.43 -26.00 -20.70
N CYS B 306 19.05 -25.96 -21.87
CA CYS B 306 19.15 -24.71 -22.62
C CYS B 306 18.58 -24.89 -24.01
N CYS B 307 17.82 -23.86 -24.41
CA CYS B 307 17.28 -23.71 -25.75
C CYS B 307 18.00 -22.55 -26.42
N LEU B 308 18.56 -22.82 -27.60
CA LEU B 308 19.28 -21.82 -28.40
C LEU B 308 18.45 -21.52 -29.63
N LEU B 309 18.02 -20.27 -29.76
CA LEU B 309 17.24 -19.83 -30.93
C LEU B 309 18.06 -18.88 -31.78
N TYR B 310 18.62 -19.40 -32.88
CA TYR B 310 19.44 -18.61 -33.82
C TYR B 310 18.56 -17.98 -34.88
N ARG B 311 18.97 -16.81 -35.38
CA ARG B 311 18.26 -16.14 -36.45
C ARG B 311 19.17 -15.38 -37.41
N GLY B 312 18.85 -15.51 -38.70
CA GLY B 312 19.61 -14.87 -39.78
C GLY B 312 20.51 -15.85 -40.53
N ASP B 313 21.67 -15.36 -40.99
CA ASP B 313 22.60 -16.15 -41.81
C ASP B 313 23.38 -17.14 -40.93
N VAL B 314 22.71 -18.24 -40.60
CA VAL B 314 23.29 -19.32 -39.76
C VAL B 314 23.13 -20.67 -40.43
N VAL B 315 24.18 -21.49 -40.36
CA VAL B 315 24.17 -22.86 -40.91
C VAL B 315 24.37 -23.89 -39.77
N PRO B 316 23.67 -25.03 -39.82
CA PRO B 316 23.61 -25.95 -38.67
C PRO B 316 24.95 -26.43 -38.17
N LYS B 317 25.91 -26.64 -39.08
CA LYS B 317 27.26 -27.17 -38.74
C LYS B 317 27.98 -26.21 -37.79
N ASP B 318 27.94 -24.90 -38.03
CA ASP B 318 28.66 -23.90 -37.19
C ASP B 318 27.98 -23.85 -35.82
N VAL B 319 26.68 -24.19 -35.76
CA VAL B 319 25.91 -24.19 -34.48
C VAL B 319 26.29 -25.45 -33.70
N ASN B 320 26.48 -26.58 -34.39
CA ASN B 320 26.83 -27.86 -33.75
C ASN B 320 28.22 -27.78 -33.15
N ALA B 321 29.15 -27.21 -33.91
CA ALA B 321 30.53 -27.04 -33.48
C ALA B 321 30.58 -26.22 -32.18
N ALA B 322 29.83 -25.13 -32.18
CA ALA B 322 29.74 -24.23 -31.03
C ALA B 322 29.25 -24.98 -29.81
N ILE B 323 28.20 -25.77 -30.02
CA ILE B 323 27.60 -26.55 -28.95
C ILE B 323 28.61 -27.54 -28.38
N ALA B 324 29.36 -28.18 -29.26
CA ALA B 324 30.40 -29.12 -28.89
C ALA B 324 31.44 -28.45 -28.02
N THR B 325 31.85 -27.25 -28.45
CA THR B 325 32.85 -26.48 -27.69
C THR B 325 32.33 -26.15 -26.30
N ILE B 326 31.07 -25.74 -26.24
CA ILE B 326 30.42 -25.38 -24.98
C ILE B 326 30.42 -26.60 -24.05
N LYS B 327 30.15 -27.78 -24.61
CA LYS B 327 30.13 -29.04 -23.86
C LYS B 327 31.43 -29.27 -23.12
N THR B 328 32.56 -28.98 -23.78
CA THR B 328 33.88 -29.26 -23.27
C THR B 328 34.42 -28.24 -22.26
N LYS B 329 33.65 -27.17 -22.03
CA LYS B 329 33.93 -26.16 -20.99
C LYS B 329 33.44 -26.55 -19.57
N ARG B 330 34.41 -26.97 -18.76
CA ARG B 330 34.23 -27.44 -17.37
C ARG B 330 33.47 -26.46 -16.44
N SER B 331 33.66 -25.15 -16.65
CA SER B 331 33.01 -24.05 -15.89
C SER B 331 31.50 -23.88 -16.16
N ILE B 332 31.00 -24.51 -17.23
CA ILE B 332 29.58 -24.55 -17.58
C ILE B 332 29.11 -25.98 -17.30
N GLN B 333 28.45 -26.19 -16.17
CA GLN B 333 28.03 -27.56 -15.78
C GLN B 333 26.53 -27.77 -15.93
N PHE B 334 26.20 -28.93 -16.50
CA PHE B 334 24.81 -29.40 -16.64
C PHE B 334 24.57 -30.53 -15.64
N VAL B 335 23.36 -30.62 -15.10
CA VAL B 335 23.01 -31.66 -14.11
C VAL B 335 23.16 -33.05 -14.76
N ASP B 336 23.53 -34.06 -13.96
CA ASP B 336 23.83 -35.41 -14.47
C ASP B 336 22.62 -36.18 -15.02
N TRP B 337 21.41 -35.81 -14.56
CA TRP B 337 20.15 -36.46 -14.99
C TRP B 337 19.66 -36.00 -16.36
N CYS B 338 20.36 -35.05 -16.97
CA CYS B 338 20.10 -34.59 -18.34
C CYS B 338 21.39 -34.48 -19.16
N PRO B 339 21.88 -35.60 -19.74
CA PRO B 339 23.12 -35.54 -20.56
C PRO B 339 23.02 -34.67 -21.84
N THR B 340 21.82 -34.66 -22.44
CA THR B 340 21.51 -33.90 -23.64
C THR B 340 20.70 -32.70 -23.22
N GLY B 341 21.35 -31.54 -23.06
CA GLY B 341 20.70 -30.32 -22.55
C GLY B 341 20.41 -29.19 -23.53
N PHE B 342 20.40 -29.51 -24.82
CA PHE B 342 20.19 -28.52 -25.87
C PHE B 342 18.95 -28.78 -26.72
N LYS B 343 18.12 -27.75 -26.83
CA LYS B 343 17.17 -27.60 -27.91
C LYS B 343 17.60 -26.43 -28.77
N VAL B 344 17.64 -26.65 -30.08
CA VAL B 344 18.23 -25.71 -31.04
C VAL B 344 17.22 -25.36 -32.11
N GLY B 345 17.02 -24.06 -32.31
CA GLY B 345 16.19 -23.53 -33.38
C GLY B 345 17.03 -22.62 -34.25
N ILE B 346 16.82 -22.70 -35.56
CA ILE B 346 17.48 -21.85 -36.54
C ILE B 346 16.44 -21.29 -37.52
N ASN B 347 16.35 -19.96 -37.58
CA ASN B 347 15.40 -19.22 -38.42
C ASN B 347 16.17 -18.31 -39.40
N TYR B 348 15.67 -18.23 -40.63
CA TYR B 348 16.35 -17.52 -41.73
C TYR B 348 16.40 -15.99 -41.63
N GLN B 349 15.40 -15.38 -40.98
CA GLN B 349 15.27 -13.93 -40.95
C GLN B 349 16.23 -13.23 -39.94
N PRO B 350 17.12 -12.35 -40.43
CA PRO B 350 18.02 -11.63 -39.53
C PRO B 350 17.24 -10.72 -38.57
N PRO B 351 17.80 -10.41 -37.39
CA PRO B 351 17.09 -9.50 -36.49
C PRO B 351 16.93 -8.11 -37.12
N THR B 352 15.69 -7.63 -37.18
CA THR B 352 15.39 -6.30 -37.69
C THR B 352 15.59 -5.30 -36.57
N VAL B 353 16.01 -4.10 -36.95
CA VAL B 353 16.34 -3.04 -35.98
C VAL B 353 15.47 -1.79 -36.13
N VAL B 354 15.04 -1.26 -34.98
CA VAL B 354 14.10 -0.15 -34.94
C VAL B 354 14.89 1.12 -35.25
N PRO B 355 14.42 1.94 -36.20
CA PRO B 355 15.04 3.25 -36.43
C PRO B 355 15.16 4.06 -35.14
N GLY B 356 16.38 4.53 -34.88
CA GLY B 356 16.70 5.30 -33.67
C GLY B 356 16.97 4.43 -32.46
N GLY B 357 17.17 3.14 -32.69
CA GLY B 357 17.49 2.17 -31.64
C GLY B 357 18.95 2.20 -31.27
N ASP B 358 19.29 1.55 -30.15
CA ASP B 358 20.66 1.46 -29.64
C ASP B 358 21.48 0.32 -30.28
N LEU B 359 20.79 -0.69 -30.82
CA LEU B 359 21.44 -1.89 -31.39
C LEU B 359 21.78 -1.74 -32.88
N ALA B 360 22.94 -2.25 -33.26
CA ALA B 360 23.40 -2.25 -34.64
C ALA B 360 22.77 -3.41 -35.40
N LYS B 361 22.73 -3.28 -36.72
CA LYS B 361 22.16 -4.27 -37.65
C LYS B 361 23.19 -5.37 -37.82
N VAL B 362 22.81 -6.61 -37.54
CA VAL B 362 23.73 -7.73 -37.62
C VAL B 362 23.18 -8.82 -38.54
N GLN B 363 24.09 -9.63 -39.10
CA GLN B 363 23.72 -10.77 -39.95
C GLN B 363 23.18 -11.94 -39.13
N ARG B 364 23.65 -12.06 -37.88
CA ARG B 364 23.34 -13.19 -37.02
C ARG B 364 22.95 -12.74 -35.62
N ALA B 365 22.03 -13.45 -35.00
CA ALA B 365 21.79 -13.26 -33.57
C ALA B 365 21.25 -14.52 -32.95
N VAL B 366 21.18 -14.53 -31.62
CA VAL B 366 20.79 -15.69 -30.81
C VAL B 366 20.04 -15.24 -29.56
N CYS B 367 19.08 -16.05 -29.17
CA CYS B 367 18.36 -15.89 -27.92
C CYS B 367 18.45 -17.23 -27.21
N MET B 368 19.11 -17.24 -26.05
CA MET B 368 19.25 -18.46 -25.27
C MET B 368 18.25 -18.44 -24.13
N LEU B 369 17.50 -19.52 -23.97
CA LEU B 369 16.61 -19.66 -22.82
C LEU B 369 17.09 -20.84 -22.05
N SER B 370 17.57 -20.61 -20.83
CA SER B 370 18.17 -21.67 -20.00
C SER B 370 17.53 -21.81 -18.62
N ASN B 371 17.25 -23.03 -18.21
CA ASN B 371 16.74 -23.30 -16.88
C ASN B 371 17.93 -23.67 -15.99
N THR B 372 18.22 -22.86 -14.98
CA THR B 372 19.38 -23.04 -14.11
C THR B 372 19.06 -22.84 -12.63
N THR B 373 19.70 -23.67 -11.81
CA THR B 373 19.41 -23.71 -10.38
C THR B 373 19.81 -22.42 -9.67
N ALA B 374 20.69 -21.64 -10.31
CA ALA B 374 21.23 -20.38 -9.78
C ALA B 374 20.17 -19.31 -9.60
N ILE B 375 19.04 -19.42 -10.32
CA ILE B 375 17.91 -18.51 -10.16
C ILE B 375 17.33 -18.49 -8.73
N ALA B 376 17.48 -19.64 -8.06
CA ALA B 376 17.06 -19.81 -6.66
C ALA B 376 17.63 -18.76 -5.73
N GLU B 377 18.83 -18.27 -6.09
CA GLU B 377 19.49 -17.20 -5.32
C GLU B 377 18.68 -15.92 -5.23
N ALA B 378 18.04 -15.57 -6.36
CA ALA B 378 17.18 -14.40 -6.43
C ALA B 378 16.04 -14.53 -5.41
N TRP B 379 15.44 -15.72 -5.41
CA TRP B 379 14.31 -16.00 -4.53
C TRP B 379 14.76 -15.91 -3.08
N ALA B 380 15.95 -16.43 -2.78
CA ALA B 380 16.53 -16.33 -1.44
C ALA B 380 16.64 -14.88 -0.98
N ARG B 381 17.18 -14.00 -1.84
CA ARG B 381 17.32 -12.61 -1.41
C ARG B 381 15.95 -11.97 -1.23
N LEU B 382 15.04 -12.30 -2.13
CA LEU B 382 13.70 -11.71 -2.08
C LEU B 382 12.99 -12.13 -0.79
N ASP B 383 13.12 -13.42 -0.48
CA ASP B 383 12.55 -14.00 0.73
C ASP B 383 13.10 -13.31 1.95
N HIS B 384 14.42 -13.09 1.96
CA HIS B 384 15.09 -12.42 3.07
C HIS B 384 14.51 -11.02 3.27
N LYS B 385 14.36 -10.32 2.15
CA LYS B 385 13.80 -8.97 2.16
C LYS B 385 12.39 -8.96 2.76
N PHE B 386 11.60 -9.93 2.33
CA PHE B 386 10.22 -10.10 2.79
C PHE B 386 10.19 -10.29 4.29
N ASP B 387 11.09 -11.15 4.76
CA ASP B 387 11.10 -11.62 6.15
C ASP B 387 11.43 -10.47 7.08
N LEU B 388 12.37 -9.60 6.68
CA LEU B 388 12.70 -8.43 7.50
C LEU B 388 11.46 -7.55 7.76
N MET B 389 10.85 -7.17 6.67
CA MET B 389 9.72 -6.26 6.65
C MET B 389 8.56 -6.83 7.47
N TYR B 390 8.30 -8.13 7.24
CA TYR B 390 7.20 -8.82 7.92
C TYR B 390 7.45 -8.97 9.40
N ALA B 391 8.73 -9.09 9.80
CA ALA B 391 9.13 -9.13 11.20
C ALA B 391 8.52 -7.98 11.99
N LYS B 392 8.41 -6.81 11.35
CA LYS B 392 7.82 -5.63 12.00
C LYS B 392 6.39 -5.35 11.54
N ARG B 393 5.83 -6.21 10.68
CA ARG B 393 4.49 -6.06 10.08
C ARG B 393 4.39 -4.73 9.29
N ALA B 394 5.53 -4.28 8.75
CA ALA B 394 5.61 -2.95 8.12
C ALA B 394 4.70 -2.92 6.87
N PHE B 395 3.86 -1.89 6.78
CA PHE B 395 2.92 -1.67 5.67
C PHE B 395 1.71 -2.63 5.60
N VAL B 396 1.68 -3.64 6.48
CA VAL B 396 0.74 -4.77 6.36
C VAL B 396 -0.71 -4.32 6.44
N HIS B 397 -0.98 -3.33 7.28
CA HIS B 397 -2.35 -2.78 7.49
C HIS B 397 -3.04 -2.46 6.17
N TRP B 398 -2.34 -1.88 5.19
CA TRP B 398 -2.93 -1.50 3.87
C TRP B 398 -3.64 -2.72 3.27
N TYR B 399 -2.89 -3.80 3.06
CA TYR B 399 -3.42 -5.04 2.46
C TYR B 399 -4.62 -5.50 3.28
N VAL B 400 -4.50 -5.53 4.62
CA VAL B 400 -5.58 -6.02 5.53
C VAL B 400 -6.86 -5.21 5.31
N GLY B 401 -6.78 -3.89 5.22
CA GLY B 401 -7.94 -3.01 4.96
C GLY B 401 -8.52 -3.34 3.60
N GLU B 402 -7.69 -3.37 2.54
CA GLU B 402 -8.15 -3.80 1.19
C GLU B 402 -8.98 -5.09 1.31
N GLY B 403 -8.58 -6.07 2.14
CA GLY B 403 -9.41 -7.30 2.34
C GLY B 403 -8.56 -8.56 2.44
N MET B 404 -7.24 -8.37 2.50
CA MET B 404 -6.22 -9.41 2.61
C MET B 404 -6.12 -9.85 4.06
N GLU B 405 -5.83 -11.12 4.29
CA GLU B 405 -5.69 -11.65 5.64
C GLU B 405 -4.21 -11.96 5.88
N GLU B 406 -3.75 -11.84 7.13
CA GLU B 406 -2.34 -12.03 7.52
C GLU B 406 -1.86 -13.45 7.19
N GLY B 407 -2.79 -14.40 7.35
CA GLY B 407 -2.51 -15.80 7.08
C GLY B 407 -2.08 -16.07 5.65
N GLU B 408 -2.61 -15.26 4.73
CA GLU B 408 -2.23 -15.35 3.32
C GLU B 408 -0.75 -15.12 3.16
N PHE B 409 -0.21 -14.12 3.87
CA PHE B 409 1.20 -13.76 3.75
C PHE B 409 2.09 -14.94 4.09
N SER B 410 1.76 -15.53 5.23
CA SER B 410 2.48 -16.68 5.78
C SER B 410 2.43 -17.83 4.79
N GLU B 411 1.23 -18.06 4.25
CA GLU B 411 1.02 -19.13 3.27
C GLU B 411 1.92 -18.95 2.06
N ALA B 412 1.95 -17.71 1.58
CA ALA B 412 2.75 -17.34 0.42
C ALA B 412 4.22 -17.62 0.68
N ARG B 413 4.67 -17.21 1.87
CA ARG B 413 6.06 -17.40 2.29
C ARG B 413 6.41 -18.90 2.27
N GLU B 414 5.50 -19.68 2.83
CA GLU B 414 5.66 -21.14 2.92
C GLU B 414 5.82 -21.72 1.52
N ASP B 415 4.96 -21.26 0.60
CA ASP B 415 4.95 -21.73 -0.77
C ASP B 415 6.30 -21.50 -1.43
N MET B 416 6.86 -20.31 -1.20
CA MET B 416 8.14 -19.93 -1.75
C MET B 416 9.30 -20.74 -1.16
N ALA B 417 9.19 -21.00 0.14
CA ALA B 417 10.17 -21.86 0.83
C ALA B 417 10.19 -23.25 0.20
N ALA B 418 8.99 -23.77 -0.03
CA ALA B 418 8.80 -25.08 -0.65
C ALA B 418 9.43 -25.11 -2.02
N LEU B 419 9.21 -24.02 -2.78
CA LEU B 419 9.74 -23.91 -4.15
C LEU B 419 11.28 -23.92 -4.19
N GLU B 420 11.86 -23.10 -3.30
CA GLU B 420 13.30 -23.05 -3.16
C GLU B 420 13.88 -24.42 -2.82
N LYS B 421 13.21 -25.12 -1.90
CA LYS B 421 13.59 -26.48 -1.50
C LYS B 421 13.53 -27.46 -2.67
N ASP B 422 12.49 -27.30 -3.49
CA ASP B 422 12.33 -28.14 -4.68
C ASP B 422 13.50 -27.92 -5.62
N TYR B 423 13.86 -26.64 -5.81
CA TYR B 423 14.98 -26.27 -6.67
C TYR B 423 16.29 -26.88 -6.17
N GLU B 424 16.46 -26.84 -4.84
CA GLU B 424 17.62 -27.41 -4.17
C GLU B 424 17.74 -28.89 -4.51
N GLU B 425 16.62 -29.59 -4.44
CA GLU B 425 16.57 -31.04 -4.56
C GLU B 425 16.90 -31.56 -5.96
N VAL B 426 16.51 -30.80 -6.97
CA VAL B 426 16.77 -31.16 -8.36
C VAL B 426 18.20 -30.96 -8.80
N GLY B 427 18.94 -30.08 -8.11
CA GLY B 427 20.35 -29.82 -8.37
C GLY B 427 21.30 -30.80 -7.72
N VAL B 428 20.78 -31.63 -6.80
CA VAL B 428 21.60 -32.69 -6.17
C VAL B 428 21.79 -33.82 -7.16
N MET C 1 -11.49 12.06 -14.71
CA MET C 1 -11.13 10.97 -13.75
C MET C 1 -10.10 11.44 -12.74
N ARG C 2 -10.26 10.96 -11.51
CA ARG C 2 -9.37 11.31 -10.38
C ARG C 2 -9.32 12.78 -9.94
N GLU C 3 -10.48 13.34 -9.61
CA GLU C 3 -10.62 14.74 -9.21
C GLU C 3 -10.23 14.97 -7.74
N ILE C 4 -9.49 16.07 -7.53
CA ILE C 4 -9.11 16.51 -6.19
C ILE C 4 -9.89 17.74 -5.75
N VAL C 5 -10.30 17.76 -4.48
CA VAL C 5 -11.03 18.89 -3.93
C VAL C 5 -10.12 19.67 -2.98
N HIS C 6 -9.99 20.96 -3.25
CA HIS C 6 -9.10 21.84 -2.49
C HIS C 6 -9.86 22.68 -1.46
N ILE C 7 -9.35 22.71 -0.22
CA ILE C 7 -9.96 23.53 0.86
C ILE C 7 -8.89 24.38 1.54
N GLN C 8 -9.23 25.64 1.74
CA GLN C 8 -8.39 26.66 2.34
C GLN C 8 -9.06 27.26 3.56
N ALA C 9 -8.44 27.16 4.73
CA ALA C 9 -9.13 27.51 5.98
C ALA C 9 -8.31 28.45 6.84
N GLY C 10 -8.81 29.64 7.16
CA GLY C 10 -8.02 30.66 7.89
C GLY C 10 -7.07 31.44 6.98
N GLN C 11 -6.40 32.45 7.53
CA GLN C 11 -5.77 33.49 6.71
C GLN C 11 -4.59 32.91 5.97
N CYS C 12 -3.65 32.38 6.74
CA CYS C 12 -2.44 31.74 6.23
C CYS C 12 -2.72 30.72 5.16
N GLY C 13 -3.66 29.81 5.48
CA GLY C 13 -4.08 28.74 4.58
C GLY C 13 -4.56 29.31 3.26
N ASN C 14 -5.41 30.33 3.37
CA ASN C 14 -5.97 31.01 2.20
C ASN C 14 -4.88 31.59 1.34
N GLN C 15 -3.93 32.25 2.00
CA GLN C 15 -2.83 32.90 1.30
C GLN C 15 -2.02 31.87 0.53
N ILE C 16 -1.74 30.76 1.20
CA ILE C 16 -0.95 29.69 0.57
C ILE C 16 -1.70 29.14 -0.65
N GLY C 17 -3.01 28.95 -0.46
CA GLY C 17 -3.88 28.43 -1.48
C GLY C 17 -3.87 29.33 -2.69
N ALA C 18 -3.89 30.65 -2.48
CA ALA C 18 -3.87 31.60 -3.58
C ALA C 18 -2.62 31.39 -4.46
N LYS C 19 -1.50 31.27 -3.77
CA LYS C 19 -0.21 31.07 -4.42
C LYS C 19 -0.22 29.78 -5.23
N PHE C 20 -0.75 28.74 -4.60
CA PHE C 20 -0.87 27.39 -5.19
C PHE C 20 -1.65 27.47 -6.50
N TRP C 21 -2.78 28.16 -6.41
CA TRP C 21 -3.68 28.29 -7.56
C TRP C 21 -2.98 29.04 -8.68
N GLU C 22 -2.26 30.10 -8.32
CA GLU C 22 -1.56 30.94 -9.28
C GLU C 22 -0.56 30.13 -10.07
N VAL C 23 0.22 29.35 -9.34
CA VAL C 23 1.26 28.52 -9.96
C VAL C 23 0.60 27.51 -10.91
N ILE C 24 -0.48 26.88 -10.40
CA ILE C 24 -1.04 25.76 -11.15
C ILE C 24 -1.72 26.26 -12.43
N SER C 25 -2.39 27.40 -12.37
CA SER C 25 -3.00 28.00 -13.54
C SER C 25 -1.95 28.31 -14.61
N ASP C 26 -0.83 28.86 -14.17
CA ASP C 26 0.30 29.15 -15.07
C ASP C 26 0.79 27.89 -15.75
N GLU C 27 0.93 26.85 -14.93
CA GLU C 27 1.41 25.53 -15.37
C GLU C 27 0.51 24.97 -16.46
N HIS C 28 -0.81 25.01 -16.23
CA HIS C 28 -1.82 24.49 -17.17
C HIS C 28 -2.27 25.49 -18.25
N GLY C 29 -1.59 26.63 -18.33
CA GLY C 29 -1.86 27.67 -19.33
C GLY C 29 -3.20 28.38 -19.16
N ILE C 30 -3.64 28.53 -17.91
CA ILE C 30 -4.90 29.22 -17.57
C ILE C 30 -4.60 30.65 -17.11
N ASP C 31 -5.30 31.63 -17.69
CA ASP C 31 -5.07 33.06 -17.42
C ASP C 31 -5.96 33.55 -16.26
N PRO C 32 -5.79 34.81 -15.82
CA PRO C 32 -6.66 35.37 -14.76
C PRO C 32 -8.17 35.37 -15.01
N THR C 33 -8.64 35.07 -16.23
CA THR C 33 -10.08 35.04 -16.58
C THR C 33 -10.68 33.63 -16.52
N GLY C 34 -9.81 32.62 -16.48
CA GLY C 34 -10.21 31.21 -16.55
C GLY C 34 -10.10 30.57 -17.93
N SER C 35 -9.62 31.33 -18.92
CA SER C 35 -9.47 30.85 -20.28
C SER C 35 -8.10 30.18 -20.50
N TYR C 36 -8.12 29.08 -21.25
CA TYR C 36 -6.91 28.36 -21.64
C TYR C 36 -6.23 29.07 -22.81
N HIS C 37 -4.99 29.50 -22.59
CA HIS C 37 -4.18 30.11 -23.65
C HIS C 37 -2.82 29.45 -23.79
N GLY C 38 -2.75 28.19 -23.35
CA GLY C 38 -1.52 27.39 -23.44
C GLY C 38 -1.22 26.93 -24.86
N ASP C 39 -0.11 26.23 -25.03
CA ASP C 39 0.31 25.69 -26.33
C ASP C 39 0.07 24.17 -26.41
N SER C 40 0.46 23.44 -25.37
CA SER C 40 0.49 21.99 -25.35
C SER C 40 -0.86 21.41 -24.99
N ASP C 41 -1.26 20.39 -25.75
CA ASP C 41 -2.45 19.57 -25.48
C ASP C 41 -2.34 18.79 -24.14
N LEU C 42 -1.11 18.55 -23.68
CA LEU C 42 -0.85 17.88 -22.40
C LEU C 42 -1.34 18.72 -21.21
N GLN C 43 -1.31 20.05 -21.33
CA GLN C 43 -1.79 21.01 -20.32
C GLN C 43 -3.29 20.89 -20.03
N LEU C 44 -4.08 20.49 -21.03
CA LEU C 44 -5.54 20.33 -20.93
C LEU C 44 -6.02 18.90 -20.71
N GLU C 45 -5.19 17.91 -21.07
CA GLU C 45 -5.57 16.50 -20.99
C GLU C 45 -6.18 16.13 -19.63
N ARG C 46 -5.49 16.49 -18.54
CA ARG C 46 -5.93 16.17 -17.19
C ARG C 46 -6.31 17.41 -16.38
N ILE C 47 -6.80 18.45 -17.07
CA ILE C 47 -7.25 19.72 -16.44
C ILE C 47 -8.33 19.54 -15.36
N ASN C 48 -9.16 18.50 -15.53
CA ASN C 48 -10.27 18.16 -14.64
C ASN C 48 -9.89 17.71 -13.24
N VAL C 49 -8.61 17.34 -13.03
CA VAL C 49 -8.14 16.98 -11.69
C VAL C 49 -8.30 18.15 -10.70
N TYR C 50 -7.99 19.37 -11.16
CA TYR C 50 -8.11 20.57 -10.31
C TYR C 50 -9.15 21.62 -10.74
N TYR C 51 -9.64 21.54 -11.98
CA TYR C 51 -10.55 22.55 -12.52
C TYR C 51 -11.87 21.95 -12.99
N ASN C 52 -12.97 22.67 -12.75
CA ASN C 52 -14.26 22.37 -13.35
C ASN C 52 -14.35 23.20 -14.61
N GLU C 53 -14.99 22.63 -15.63
CA GLU C 53 -15.14 23.33 -16.89
C GLU C 53 -16.49 24.04 -16.86
N ALA C 54 -16.46 25.37 -16.94
CA ALA C 54 -17.66 26.23 -16.98
C ALA C 54 -18.04 26.56 -18.43
N ALA C 55 -19.16 27.24 -18.61
CA ALA C 55 -19.68 27.56 -19.93
C ALA C 55 -18.83 28.60 -20.66
N GLY C 56 -18.59 28.35 -21.95
CA GLY C 56 -17.88 29.29 -22.81
C GLY C 56 -16.37 29.19 -22.77
N ASN C 57 -15.86 27.95 -22.69
CA ASN C 57 -14.42 27.67 -22.70
C ASN C 57 -13.63 28.34 -21.58
N LYS C 58 -14.13 28.19 -20.36
CA LYS C 58 -13.47 28.66 -19.13
C LYS C 58 -13.30 27.54 -18.09
N TYR C 59 -12.34 27.74 -17.21
CA TYR C 59 -11.99 26.77 -16.19
C TYR C 59 -12.01 27.43 -14.82
N VAL C 60 -12.55 26.70 -13.83
CA VAL C 60 -12.67 27.22 -12.46
C VAL C 60 -12.15 26.25 -11.37
N PRO C 61 -11.29 26.73 -10.48
CA PRO C 61 -10.70 25.85 -9.45
C PRO C 61 -11.75 25.12 -8.64
N ARG C 62 -11.55 23.82 -8.39
CA ARG C 62 -12.40 23.07 -7.49
C ARG C 62 -11.88 23.37 -6.09
N ALA C 63 -12.12 24.62 -5.70
CA ALA C 63 -11.57 25.19 -4.46
C ALA C 63 -12.66 25.81 -3.59
N ILE C 64 -12.57 25.55 -2.29
CA ILE C 64 -13.46 26.14 -1.30
C ILE C 64 -12.63 27.00 -0.38
N LEU C 65 -13.04 28.25 -0.20
CA LEU C 65 -12.32 29.23 0.61
C LEU C 65 -13.11 29.52 1.86
N VAL C 66 -12.49 29.26 3.00
CA VAL C 66 -13.15 29.36 4.32
C VAL C 66 -12.40 30.28 5.30
N ASP C 67 -13.14 31.17 5.97
CA ASP C 67 -12.59 32.01 7.02
C ASP C 67 -13.69 32.53 7.94
N LEU C 68 -13.35 32.74 9.20
CA LEU C 68 -14.30 33.28 10.14
C LEU C 68 -14.35 34.80 10.01
N GLU C 69 -13.37 35.36 9.29
CA GLU C 69 -13.35 36.79 9.00
C GLU C 69 -13.49 37.08 7.50
N PRO C 70 -14.21 38.16 7.11
CA PRO C 70 -14.51 38.44 5.70
C PRO C 70 -13.40 39.18 4.92
N GLY C 71 -12.54 39.86 5.67
CA GLY C 71 -11.49 40.69 5.12
C GLY C 71 -10.57 39.88 4.22
N THR C 72 -10.21 38.70 4.71
CA THR C 72 -9.34 37.77 3.98
C THR C 72 -9.91 37.44 2.63
N MET C 73 -11.22 37.16 2.59
CA MET C 73 -11.92 36.84 1.35
C MET C 73 -11.77 37.97 0.35
N ASP C 74 -12.02 39.18 0.85
CA ASP C 74 -11.91 40.39 0.03
C ASP C 74 -10.51 40.53 -0.56
N SER C 75 -9.52 40.31 0.31
CA SER C 75 -8.11 40.39 -0.06
C SER C 75 -7.80 39.42 -1.17
N VAL C 76 -8.32 38.19 -1.04
CA VAL C 76 -8.17 37.17 -2.08
C VAL C 76 -8.83 37.55 -3.43
N ARG C 77 -10.06 38.06 -3.35
CA ARG C 77 -10.83 38.45 -4.52
C ARG C 77 -10.16 39.61 -5.28
N SER C 78 -9.50 40.50 -4.53
CA SER C 78 -8.76 41.66 -5.09
C SER C 78 -7.34 41.32 -5.57
N GLY C 79 -6.80 40.18 -5.14
CA GLY C 79 -5.41 39.81 -5.44
C GLY C 79 -5.25 39.23 -6.82
N PRO C 80 -4.05 38.74 -7.21
CA PRO C 80 -3.84 38.10 -8.50
C PRO C 80 -4.63 36.78 -8.54
N PHE C 81 -5.35 36.51 -9.63
CA PHE C 81 -6.16 35.27 -9.79
C PHE C 81 -7.39 35.31 -8.89
N GLY C 82 -7.63 36.38 -8.13
CA GLY C 82 -8.87 36.47 -7.32
C GLY C 82 -10.19 36.20 -8.03
N GLN C 83 -10.30 36.65 -9.29
CA GLN C 83 -11.52 36.52 -10.10
C GLN C 83 -11.79 35.12 -10.68
N ILE C 84 -10.77 34.25 -10.67
CA ILE C 84 -10.90 32.86 -11.17
C ILE C 84 -11.80 31.99 -10.29
N PHE C 85 -11.86 32.30 -8.99
CA PHE C 85 -12.61 31.49 -8.01
C PHE C 85 -14.12 31.64 -8.17
N ARG C 86 -14.86 30.56 -7.88
CA ARG C 86 -16.32 30.58 -7.97
C ARG C 86 -16.81 31.42 -6.78
N PRO C 87 -17.63 32.48 -7.03
CA PRO C 87 -18.13 33.32 -5.93
C PRO C 87 -18.87 32.57 -4.82
N ASP C 88 -19.65 31.57 -5.20
CA ASP C 88 -20.40 30.72 -4.27
C ASP C 88 -19.53 29.79 -3.40
N ASN C 89 -18.23 29.66 -3.74
CA ASN C 89 -17.28 28.82 -3.00
C ASN C 89 -16.54 29.54 -1.86
N PHE C 90 -16.79 30.84 -1.72
CA PHE C 90 -16.29 31.64 -0.59
C PHE C 90 -17.29 31.45 0.53
N VAL C 91 -16.86 30.84 1.63
CA VAL C 91 -17.71 30.68 2.81
C VAL C 91 -17.05 31.38 3.98
N PHE C 92 -17.62 32.52 4.37
CA PHE C 92 -17.03 33.34 5.41
C PHE C 92 -18.00 33.67 6.55
N GLY C 93 -17.44 33.77 7.75
CA GLY C 93 -18.16 34.23 8.93
C GLY C 93 -17.99 35.74 9.07
N GLN C 94 -18.47 36.30 10.18
CA GLN C 94 -18.30 37.73 10.40
C GLN C 94 -17.43 38.09 11.63
N SER C 95 -17.38 37.16 12.59
CA SER C 95 -16.79 37.39 13.92
C SER C 95 -15.25 37.25 14.05
N GLY C 96 -14.69 36.17 13.48
CA GLY C 96 -13.29 35.75 13.67
C GLY C 96 -13.20 34.79 14.84
N ALA C 97 -12.02 34.21 15.11
CA ALA C 97 -11.89 33.21 16.19
C ALA C 97 -11.00 33.67 17.35
N GLY C 98 -10.33 34.80 17.16
CA GLY C 98 -9.47 35.37 18.19
C GLY C 98 -8.39 34.46 18.75
N ASN C 99 -7.72 33.71 17.87
CA ASN C 99 -6.67 32.73 18.19
C ASN C 99 -7.12 31.66 19.18
N ASN C 100 -8.41 31.36 19.16
CA ASN C 100 -9.03 30.41 20.07
C ASN C 100 -9.56 29.19 19.27
N TRP C 101 -8.89 28.04 19.47
CA TRP C 101 -9.26 26.77 18.86
C TRP C 101 -10.73 26.43 19.14
N ALA C 102 -11.19 26.67 20.38
CA ALA C 102 -12.58 26.40 20.81
C ALA C 102 -13.60 27.19 19.99
N LYS C 103 -13.31 28.47 19.72
CA LYS C 103 -14.21 29.29 18.89
C LYS C 103 -14.34 28.70 17.49
N GLY C 104 -13.17 28.34 16.93
CA GLY C 104 -13.12 27.73 15.61
C GLY C 104 -13.72 26.35 15.53
N HIS C 105 -13.50 25.51 16.54
CA HIS C 105 -14.02 24.13 16.53
C HIS C 105 -15.43 23.92 17.05
N TYR C 106 -15.82 24.65 18.10
CA TYR C 106 -17.07 24.40 18.81
C TYR C 106 -18.15 25.46 18.60
N THR C 107 -17.73 26.70 18.48
CA THR C 107 -18.73 27.76 18.52
C THR C 107 -18.97 28.42 17.16
N GLU C 108 -18.17 29.43 16.83
CA GLU C 108 -18.30 30.20 15.56
C GLU C 108 -18.16 29.27 14.37
N GLY C 109 -17.05 28.52 14.27
CA GLY C 109 -16.79 27.62 13.15
C GLY C 109 -17.86 26.56 13.01
N ALA C 110 -18.50 26.16 14.11
CA ALA C 110 -19.60 25.16 14.10
C ALA C 110 -20.80 25.78 13.38
N GLU C 111 -21.18 27.00 13.73
CA GLU C 111 -22.24 27.73 13.05
C GLU C 111 -21.93 27.87 11.56
N LEU C 112 -20.68 28.20 11.28
CA LEU C 112 -20.22 28.36 9.91
C LEU C 112 -20.36 27.03 9.13
N VAL C 113 -19.94 25.92 9.73
CA VAL C 113 -19.51 24.69 9.00
C VAL C 113 -20.52 24.05 8.05
N ASP C 114 -21.81 24.14 8.36
CA ASP C 114 -22.83 23.48 7.57
C ASP C 114 -22.82 23.99 6.15
N SER C 115 -22.67 25.30 5.98
CA SER C 115 -22.58 25.92 4.65
C SER C 115 -21.44 25.29 3.82
N VAL C 116 -20.29 25.20 4.49
CA VAL C 116 -19.07 24.65 3.89
C VAL C 116 -19.32 23.21 3.45
N LEU C 117 -19.96 22.46 4.34
CA LEU C 117 -20.28 21.05 4.11
C LEU C 117 -21.16 20.91 2.87
N ASP C 118 -22.16 21.79 2.79
CA ASP C 118 -23.11 21.81 1.68
C ASP C 118 -22.37 22.08 0.37
N VAL C 119 -21.44 23.04 0.40
CA VAL C 119 -20.67 23.40 -0.77
C VAL C 119 -19.85 22.20 -1.25
N VAL C 120 -19.15 21.61 -0.30
CA VAL C 120 -18.19 20.57 -0.65
C VAL C 120 -18.91 19.33 -1.14
N ARG C 121 -20.08 19.01 -0.57
CA ARG C 121 -20.94 17.92 -1.09
C ARG C 121 -21.26 18.13 -2.56
N LYS C 122 -21.65 19.35 -2.90
CA LYS C 122 -21.99 19.70 -4.29
C LYS C 122 -20.77 19.50 -5.17
N GLU C 123 -19.62 19.96 -4.68
CA GLU C 123 -18.37 19.86 -5.42
C GLU C 123 -18.00 18.41 -5.68
N SER C 124 -18.26 17.53 -4.70
CA SER C 124 -18.10 16.07 -4.79
C SER C 124 -19.03 15.43 -5.83
N GLU C 125 -20.30 15.85 -5.77
CA GLU C 125 -21.29 15.38 -6.70
C GLU C 125 -20.92 15.70 -8.13
N SER C 126 -20.33 16.89 -8.35
CA SER C 126 -19.88 17.33 -9.70
C SER C 126 -18.85 16.35 -10.26
N CYS C 127 -17.69 16.21 -9.59
CA CYS C 127 -16.60 15.30 -10.04
C CYS C 127 -17.12 13.86 -10.12
N ASP C 128 -16.63 13.06 -11.07
CA ASP C 128 -17.09 11.66 -11.26
C ASP C 128 -16.31 10.72 -10.35
N CYS C 129 -14.98 10.84 -10.30
CA CYS C 129 -14.10 9.97 -9.48
C CYS C 129 -13.22 10.83 -8.56
N LEU C 130 -13.81 11.46 -7.54
CA LEU C 130 -13.04 12.29 -6.57
C LEU C 130 -12.10 11.39 -5.79
N GLN C 131 -10.78 11.62 -5.89
CA GLN C 131 -9.78 10.79 -5.20
C GLN C 131 -9.63 11.27 -3.77
N GLY C 132 -9.70 12.58 -3.55
CA GLY C 132 -9.76 13.08 -2.19
C GLY C 132 -9.59 14.55 -2.05
N PHE C 133 -9.11 14.93 -0.86
CA PHE C 133 -9.13 16.31 -0.35
C PHE C 133 -7.73 16.79 0.08
N GLN C 134 -7.48 18.08 -0.15
CA GLN C 134 -6.26 18.78 0.24
C GLN C 134 -6.64 20.02 1.02
N LEU C 135 -6.26 20.09 2.29
CA LEU C 135 -6.57 21.24 3.15
C LEU C 135 -5.29 22.00 3.49
N THR C 136 -5.29 23.31 3.25
CA THR C 136 -4.13 24.16 3.55
C THR C 136 -4.50 25.08 4.70
N HIS C 137 -3.71 25.11 5.79
CA HIS C 137 -4.06 25.92 6.99
C HIS C 137 -2.89 25.93 7.99
N SER C 138 -3.12 26.40 9.23
CA SER C 138 -2.10 26.45 10.30
C SER C 138 -2.71 25.94 11.61
N LEU C 139 -1.91 25.39 12.52
CA LEU C 139 -2.39 24.83 13.81
C LEU C 139 -2.07 25.78 14.96
N GLY C 140 -1.68 27.02 14.68
CA GLY C 140 -1.27 27.98 15.72
C GLY C 140 -2.36 28.98 16.07
N GLY C 141 -3.37 29.14 15.20
CA GLY C 141 -4.46 30.09 15.41
C GLY C 141 -5.75 29.43 15.81
N GLY C 142 -6.85 30.18 15.71
CA GLY C 142 -8.18 29.69 16.08
C GLY C 142 -8.93 29.27 14.83
N THR C 143 -9.39 30.21 14.01
CA THR C 143 -10.17 29.92 12.77
C THR C 143 -9.49 28.80 11.97
N GLY C 144 -8.21 28.95 11.62
CA GLY C 144 -7.49 27.99 10.77
C GLY C 144 -7.42 26.59 11.36
N SER C 145 -7.25 26.47 12.68
CA SER C 145 -7.09 25.14 13.36
C SER C 145 -8.46 24.50 13.61
N GLY C 146 -9.35 25.17 14.34
CA GLY C 146 -10.69 24.63 14.66
C GLY C 146 -11.51 24.29 13.42
N MET C 147 -11.73 25.26 12.53
CA MET C 147 -12.58 25.06 11.34
C MET C 147 -12.03 23.87 10.54
N GLY C 148 -10.73 23.87 10.24
CA GLY C 148 -10.10 22.79 9.46
C GLY C 148 -10.34 21.46 10.11
N THR C 149 -10.11 21.34 11.42
CA THR C 149 -10.30 20.08 12.18
C THR C 149 -11.75 19.62 12.00
N LEU C 150 -12.71 20.48 12.29
CA LEU C 150 -14.15 20.11 12.20
C LEU C 150 -14.43 19.61 10.77
N LEU C 151 -13.96 20.33 9.77
CA LEU C 151 -14.25 20.01 8.34
C LEU C 151 -13.65 18.66 7.98
N ILE C 152 -12.42 18.37 8.40
CA ILE C 152 -11.73 17.08 8.06
C ILE C 152 -12.50 15.97 8.78
N SER C 153 -12.93 16.19 10.02
CA SER C 153 -13.74 15.20 10.75
C SER C 153 -14.97 14.89 9.92
N LYS C 154 -15.67 15.92 9.44
CA LYS C 154 -16.92 15.73 8.66
C LYS C 154 -16.61 15.01 7.34
N ILE C 155 -15.49 15.30 6.69
CA ILE C 155 -15.13 14.71 5.36
C ILE C 155 -14.68 13.26 5.53
N ARG C 156 -14.20 12.89 6.72
CA ARG C 156 -13.80 11.49 7.01
C ARG C 156 -15.08 10.75 7.40
N GLU C 157 -16.08 11.48 7.92
CA GLU C 157 -17.39 10.88 8.31
C GLU C 157 -18.17 10.57 7.03
N GLU C 158 -18.20 11.49 6.07
CA GLU C 158 -18.97 11.31 4.84
C GLU C 158 -18.16 10.63 3.71
N TYR C 159 -16.83 10.73 3.76
CA TYR C 159 -15.94 10.14 2.75
C TYR C 159 -14.84 9.33 3.45
N PRO C 160 -15.22 8.27 4.18
CA PRO C 160 -14.21 7.49 4.94
C PRO C 160 -13.19 6.73 4.08
N ASP C 161 -13.51 6.49 2.79
CA ASP C 161 -12.67 5.73 1.87
C ASP C 161 -11.84 6.62 0.94
N ARG C 162 -11.86 7.94 1.16
CA ARG C 162 -11.16 8.88 0.28
C ARG C 162 -9.91 9.42 0.94
N ILE C 163 -8.97 9.91 0.13
CA ILE C 163 -7.65 10.28 0.65
C ILE C 163 -7.68 11.69 1.26
N MET C 164 -7.12 11.86 2.46
CA MET C 164 -7.27 13.09 3.22
C MET C 164 -5.89 13.61 3.44
N ASN C 165 -5.55 14.71 2.74
CA ASN C 165 -4.23 15.34 2.76
C ASN C 165 -4.28 16.75 3.36
N THR C 166 -3.35 17.02 4.26
CA THR C 166 -3.22 18.37 4.84
C THR C 166 -1.80 18.94 4.71
N PHE C 167 -1.73 20.25 4.46
CA PHE C 167 -0.50 20.99 4.36
C PHE C 167 -0.66 22.00 5.49
N SER C 168 0.05 21.78 6.59
CA SER C 168 -0.09 22.62 7.80
C SER C 168 1.12 23.53 8.00
N VAL C 169 0.95 24.64 8.73
CA VAL C 169 2.09 25.56 9.06
C VAL C 169 2.39 25.34 10.54
N VAL C 170 3.27 24.39 10.86
CA VAL C 170 3.59 24.02 12.28
C VAL C 170 4.20 25.22 12.99
N PRO C 171 3.96 25.42 14.31
CA PRO C 171 4.57 26.51 15.07
C PRO C 171 6.04 26.17 15.35
N SER C 172 6.98 27.07 14.99
CA SER C 172 8.40 26.84 15.18
C SER C 172 8.77 27.08 16.65
N PRO C 173 9.97 26.63 17.08
CA PRO C 173 10.37 26.87 18.48
C PRO C 173 10.71 28.32 18.80
N LYS C 174 11.67 28.88 18.05
CA LYS C 174 12.20 30.22 18.34
C LYS C 174 11.23 31.32 17.94
N VAL C 175 10.82 31.30 16.68
CA VAL C 175 9.85 32.27 16.16
C VAL C 175 8.44 31.85 16.62
N SER C 176 8.10 32.24 17.85
CA SER C 176 6.76 32.06 18.38
C SER C 176 5.97 33.32 18.09
N ASP C 177 4.94 33.22 17.26
CA ASP C 177 4.15 34.37 16.85
C ASP C 177 3.08 34.74 17.87
N THR C 178 2.49 33.73 18.52
CA THR C 178 1.41 33.94 19.50
C THR C 178 1.75 33.28 20.86
N VAL C 179 0.89 33.53 21.84
CA VAL C 179 1.08 33.06 23.22
C VAL C 179 0.38 31.72 23.46
N VAL C 180 -0.84 31.57 22.94
CA VAL C 180 -1.61 30.30 23.06
C VAL C 180 -1.35 29.27 21.95
N GLU C 181 -0.30 29.47 21.14
CA GLU C 181 0.03 28.62 19.99
C GLU C 181 0.16 27.18 20.39
N PRO C 182 0.86 26.92 21.53
CA PRO C 182 0.99 25.56 22.05
C PRO C 182 -0.34 24.85 22.21
N TYR C 183 -1.35 25.58 22.72
CA TYR C 183 -2.65 25.00 23.00
C TYR C 183 -3.33 24.59 21.68
N ASN C 184 -3.37 25.57 20.77
CA ASN C 184 -4.03 25.40 19.48
C ASN C 184 -3.40 24.28 18.68
N ALA C 185 -2.08 24.23 18.68
CA ALA C 185 -1.35 23.19 17.96
C ALA C 185 -1.68 21.85 18.55
N THR C 186 -1.67 21.77 19.88
CA THR C 186 -1.82 20.48 20.58
C THR C 186 -3.18 19.89 20.24
N LEU C 187 -4.19 20.75 20.39
CA LEU C 187 -5.58 20.34 20.18
C LEU C 187 -5.77 19.86 18.75
N SER C 188 -5.18 20.58 17.79
CA SER C 188 -5.37 20.29 16.37
C SER C 188 -4.59 19.06 15.89
N VAL C 189 -3.34 18.92 16.35
CA VAL C 189 -2.50 17.79 16.07
C VAL C 189 -3.17 16.49 16.43
N HIS C 190 -3.78 16.44 17.61
CA HIS C 190 -4.53 15.29 18.09
C HIS C 190 -5.59 14.86 17.07
N GLN C 191 -6.35 15.85 16.62
CA GLN C 191 -7.44 15.56 15.69
C GLN C 191 -6.89 15.07 14.36
N LEU C 192 -5.79 15.68 13.92
CA LEU C 192 -5.12 15.30 12.69
C LEU C 192 -4.63 13.86 12.74
N VAL C 193 -4.17 13.43 13.92
CA VAL C 193 -3.67 12.08 14.12
C VAL C 193 -4.68 11.02 13.70
N GLU C 194 -5.95 11.24 14.04
CA GLU C 194 -7.00 10.30 13.75
C GLU C 194 -7.65 10.46 12.39
N ASN C 195 -7.69 11.69 11.83
CA ASN C 195 -8.46 11.97 10.63
C ASN C 195 -7.73 12.30 9.32
N THR C 196 -6.40 12.50 9.33
CA THR C 196 -5.69 12.69 8.05
C THR C 196 -4.92 11.43 7.66
N ASP C 197 -4.80 11.18 6.36
CA ASP C 197 -4.02 10.03 5.88
C ASP C 197 -2.59 10.43 5.64
N GLU C 198 -2.34 11.68 5.25
CA GLU C 198 -0.97 12.24 5.15
C GLU C 198 -0.96 13.74 5.46
N THR C 199 0.03 14.14 6.28
CA THR C 199 0.15 15.51 6.79
C THR C 199 1.54 16.05 6.47
N TYR C 200 1.59 17.15 5.72
CA TYR C 200 2.85 17.71 5.28
C TYR C 200 3.20 18.79 6.30
N CYS C 201 4.22 18.54 7.12
CA CYS C 201 4.60 19.45 8.20
C CYS C 201 5.49 20.56 7.65
N ILE C 202 4.91 21.72 7.39
CA ILE C 202 5.68 22.87 6.93
C ILE C 202 5.93 23.88 8.03
N ASP C 203 7.21 24.32 8.13
CA ASP C 203 7.63 25.22 9.19
C ASP C 203 8.30 26.54 8.73
N ASN C 204 7.77 27.63 9.26
CA ASN C 204 8.14 28.99 8.85
C ASN C 204 9.61 29.28 9.08
N GLU C 205 10.14 28.77 10.19
CA GLU C 205 11.54 28.99 10.53
C GLU C 205 12.46 28.37 9.48
N ALA C 206 12.11 27.15 9.11
CA ALA C 206 12.87 26.39 8.11
C ALA C 206 12.81 27.14 6.78
N LEU C 207 11.61 27.64 6.44
CA LEU C 207 11.43 28.41 5.21
C LEU C 207 12.35 29.63 5.17
N TYR C 208 12.40 30.32 6.30
CA TYR C 208 13.24 31.51 6.46
C TYR C 208 14.70 31.16 6.24
N ASP C 209 15.10 30.05 6.85
CA ASP C 209 16.48 29.55 6.72
C ASP C 209 16.82 29.28 5.27
N ILE C 210 15.89 28.65 4.56
CA ILE C 210 16.05 28.33 3.15
C ILE C 210 16.27 29.63 2.35
N CYS C 211 15.41 30.60 2.64
CA CYS C 211 15.40 31.87 1.93
C CYS C 211 16.68 32.67 2.14
N PHE C 212 17.04 32.77 3.42
CA PHE C 212 18.26 33.48 3.85
C PHE C 212 19.53 32.78 3.41
N ARG C 213 19.71 31.51 3.80
CA ARG C 213 20.95 30.76 3.53
C ARG C 213 21.11 30.25 2.09
N THR C 214 20.08 29.62 1.54
CA THR C 214 20.16 28.96 0.23
C THR C 214 19.83 29.90 -0.91
N LEU C 215 18.71 30.64 -0.83
CA LEU C 215 18.39 31.59 -1.92
C LEU C 215 19.17 32.90 -1.84
N LYS C 216 19.79 33.14 -0.68
CA LYS C 216 20.49 34.40 -0.33
C LYS C 216 19.63 35.66 -0.46
N LEU C 217 18.34 35.54 -0.10
CA LEU C 217 17.35 36.58 -0.46
C LEU C 217 17.34 37.73 0.55
N THR C 218 17.54 38.94 0.03
CA THR C 218 17.76 40.13 0.85
C THR C 218 16.61 40.39 1.82
N THR C 219 15.37 40.28 1.33
CA THR C 219 14.16 40.56 2.11
C THR C 219 13.12 39.53 1.70
N PRO C 220 12.90 38.49 2.55
CA PRO C 220 11.82 37.57 2.26
C PRO C 220 10.52 38.20 2.69
N THR C 221 9.49 38.09 1.84
CA THR C 221 8.10 38.36 2.24
C THR C 221 7.36 37.03 2.34
N TYR C 222 6.20 37.03 3.01
CA TYR C 222 5.40 35.82 3.14
C TYR C 222 5.08 35.18 1.80
N GLY C 223 4.88 36.03 0.78
CA GLY C 223 4.61 35.59 -0.57
C GLY C 223 5.71 34.68 -1.08
N ASP C 224 6.95 35.11 -0.86
CA ASP C 224 8.12 34.35 -1.28
C ASP C 224 8.14 32.97 -0.62
N LEU C 225 7.89 33.00 0.70
CA LEU C 225 7.84 31.78 1.50
C LEU C 225 6.76 30.84 0.98
N ASN C 226 5.60 31.46 0.72
CA ASN C 226 4.43 30.73 0.24
C ASN C 226 4.73 30.04 -1.08
N HIS C 227 5.49 30.71 -1.95
CA HIS C 227 5.90 30.19 -3.25
C HIS C 227 6.54 28.83 -3.13
N LEU C 228 7.47 28.71 -2.17
CA LEU C 228 8.16 27.45 -1.92
C LEU C 228 7.18 26.31 -1.62
N VAL C 229 6.25 26.64 -0.73
CA VAL C 229 5.22 25.70 -0.31
C VAL C 229 4.37 25.26 -1.50
N SER C 230 4.01 26.24 -2.32
CA SER C 230 3.22 26.02 -3.52
C SER C 230 3.93 25.06 -4.45
N ALA C 231 5.24 25.27 -4.62
CA ALA C 231 6.05 24.43 -5.50
C ALA C 231 5.99 22.97 -5.05
N THR C 232 6.15 22.80 -3.75
CA THR C 232 6.13 21.48 -3.10
C THR C 232 4.79 20.80 -3.36
N MET C 233 3.72 21.58 -3.18
CA MET C 233 2.35 21.10 -3.38
C MET C 233 2.17 20.61 -4.82
N SER C 234 2.67 21.42 -5.74
CA SER C 234 2.57 21.11 -7.17
C SER C 234 3.29 19.80 -7.47
N GLY C 235 4.47 19.64 -6.88
CA GLY C 235 5.28 18.44 -7.04
C GLY C 235 4.62 17.11 -6.75
N VAL C 236 3.92 17.02 -5.62
CA VAL C 236 3.27 15.82 -5.16
C VAL C 236 2.29 15.29 -6.22
N THR C 237 1.50 16.17 -6.83
CA THR C 237 0.37 15.78 -7.69
C THR C 237 0.66 15.91 -9.20
N THR C 238 1.92 16.18 -9.54
CA THR C 238 2.41 16.22 -10.93
C THR C 238 2.05 14.94 -11.71
N CYS C 239 2.18 13.76 -11.08
CA CYS C 239 1.79 12.47 -11.66
C CYS C 239 0.32 12.34 -12.04
N LEU C 240 -0.58 13.07 -11.37
CA LEU C 240 -2.01 13.06 -11.72
C LEU C 240 -2.33 13.94 -12.91
N ARG C 241 -1.50 14.99 -13.12
CA ARG C 241 -1.67 16.02 -14.15
C ARG C 241 -0.93 15.81 -15.47
N PHE C 242 0.10 14.98 -15.47
CA PHE C 242 0.91 14.83 -16.69
C PHE C 242 1.20 13.37 -16.95
N PRO C 243 1.70 13.03 -18.16
CA PRO C 243 2.21 11.69 -18.38
C PRO C 243 3.56 11.56 -17.70
N GLY C 244 4.10 10.35 -17.74
CA GLY C 244 5.46 10.06 -17.25
C GLY C 244 5.97 8.69 -17.60
N GLN C 245 7.19 8.40 -17.14
CA GLN C 245 7.84 7.08 -17.30
C GLN C 245 7.57 6.14 -16.13
N LEU C 246 7.50 6.69 -14.93
CA LEU C 246 7.03 5.97 -13.74
C LEU C 246 6.10 6.90 -12.99
N ASN C 247 4.84 6.48 -12.77
CA ASN C 247 3.78 7.36 -12.26
C ASN C 247 3.28 6.95 -10.88
N ALA C 248 3.23 7.91 -9.97
CA ALA C 248 2.77 7.66 -8.61
C ALA C 248 1.88 8.80 -8.13
N ASP C 249 0.64 8.50 -7.75
CA ASP C 249 -0.36 9.50 -7.31
C ASP C 249 -0.40 9.55 -5.78
N LEU C 250 -1.43 10.17 -5.19
CA LEU C 250 -1.48 10.42 -3.75
C LEU C 250 -1.57 9.15 -2.92
N ARG C 251 -2.32 8.19 -3.44
CA ARG C 251 -2.54 6.89 -2.78
C ARG C 251 -1.26 6.03 -2.77
N LYS C 252 -0.66 5.89 -3.95
CA LYS C 252 0.56 5.15 -4.14
C LYS C 252 1.66 5.67 -3.23
N LEU C 253 1.74 7.00 -3.11
CA LEU C 253 2.73 7.63 -2.24
C LEU C 253 2.49 7.28 -0.79
N ALA C 254 1.23 7.41 -0.34
CA ALA C 254 0.86 7.07 1.03
C ALA C 254 1.19 5.64 1.39
N VAL C 255 0.81 4.71 0.52
CA VAL C 255 1.01 3.29 0.76
C VAL C 255 2.48 2.92 0.88
N ASN C 256 3.33 3.58 0.12
CA ASN C 256 4.78 3.37 0.17
C ASN C 256 5.49 4.09 1.30
N MET C 257 4.90 5.16 1.80
CA MET C 257 5.53 6.00 2.81
C MET C 257 5.01 5.86 4.22
N VAL C 258 3.80 5.30 4.39
CA VAL C 258 3.20 5.08 5.71
C VAL C 258 3.14 3.59 6.14
N PRO C 259 4.15 3.11 6.90
CA PRO C 259 4.19 1.71 7.31
C PRO C 259 3.25 1.36 8.48
N PHE C 260 2.91 2.37 9.29
CA PHE C 260 2.02 2.22 10.45
C PHE C 260 1.04 3.38 10.40
N PRO C 261 -0.23 3.13 10.72
CA PRO C 261 -1.32 4.11 10.55
C PRO C 261 -1.04 5.53 11.05
N ARG C 262 -0.54 5.64 12.29
CA ARG C 262 -0.34 6.93 12.92
C ARG C 262 0.84 7.73 12.36
N LEU C 263 1.81 7.04 11.75
CA LEU C 263 3.04 7.71 11.33
C LEU C 263 2.93 8.30 9.92
N HIS C 264 2.16 9.39 9.82
CA HIS C 264 1.85 9.97 8.51
C HIS C 264 2.18 11.46 8.46
N PHE C 265 3.25 11.85 9.17
CA PHE C 265 3.67 13.26 9.25
C PHE C 265 4.96 13.46 8.46
N PHE C 266 4.87 14.12 7.32
CA PHE C 266 6.02 14.18 6.45
C PHE C 266 6.83 15.47 6.62
N MET C 267 8.12 15.35 6.40
CA MET C 267 8.97 16.53 6.22
C MET C 267 9.21 16.71 4.72
N PRO C 268 8.54 17.68 4.10
CA PRO C 268 8.71 17.85 2.68
C PRO C 268 9.94 18.69 2.32
N GLY C 269 10.37 18.57 1.08
CA GLY C 269 11.54 19.30 0.59
C GLY C 269 11.43 19.54 -0.88
N PHE C 270 12.17 20.54 -1.36
CA PHE C 270 12.22 20.89 -2.79
C PHE C 270 13.61 21.20 -3.29
N ALA C 271 13.86 20.88 -4.56
CA ALA C 271 15.13 21.14 -5.23
C ALA C 271 14.97 21.15 -6.74
N PRO C 272 15.68 22.05 -7.43
CA PRO C 272 16.79 22.91 -7.02
C PRO C 272 16.42 24.31 -6.52
N LEU C 273 17.31 24.87 -5.69
CA LEU C 273 17.13 26.18 -5.09
C LEU C 273 18.48 26.90 -5.12
N THR C 274 18.56 27.94 -5.95
CA THR C 274 19.78 28.72 -6.12
C THR C 274 19.46 30.21 -6.16
N SER C 275 20.48 31.03 -5.94
CA SER C 275 20.35 32.48 -6.10
C SER C 275 20.48 32.88 -7.57
N ARG C 276 20.46 34.18 -7.83
CA ARG C 276 20.70 34.69 -9.18
C ARG C 276 22.17 34.57 -9.56
N GLY C 277 23.05 34.90 -8.61
CA GLY C 277 24.50 34.82 -8.79
C GLY C 277 25.01 33.39 -8.97
N SER C 278 24.57 32.50 -8.09
CA SER C 278 25.02 31.10 -8.13
C SER C 278 24.35 30.22 -9.20
N GLN C 279 23.53 30.81 -10.07
CA GLN C 279 22.89 30.09 -11.18
C GLN C 279 23.90 29.62 -12.24
N GLN C 280 24.89 30.45 -12.53
CA GLN C 280 25.88 30.16 -13.58
C GLN C 280 26.90 29.08 -13.19
N TYR C 281 27.23 29.02 -11.90
CA TYR C 281 28.29 28.13 -11.41
C TYR C 281 27.71 26.81 -10.88
N ARG C 282 26.86 26.16 -11.68
CA ARG C 282 26.19 24.92 -11.29
C ARG C 282 25.91 23.97 -12.44
N ALA C 283 25.80 22.69 -12.10
CA ALA C 283 25.51 21.62 -13.04
C ALA C 283 24.04 21.24 -12.95
N LEU C 284 23.32 21.37 -14.06
CA LEU C 284 21.90 20.98 -14.15
C LEU C 284 21.83 19.48 -14.42
N THR C 285 22.01 18.70 -13.36
CA THR C 285 22.06 17.24 -13.48
C THR C 285 21.51 16.54 -12.24
N VAL C 286 21.13 15.28 -12.43
CA VAL C 286 20.37 14.51 -11.45
C VAL C 286 21.18 14.32 -10.17
N PRO C 287 22.50 14.05 -10.30
CA PRO C 287 23.33 13.94 -9.12
C PRO C 287 23.31 15.14 -8.20
N GLU C 288 23.28 16.34 -8.79
CA GLU C 288 23.25 17.60 -8.07
C GLU C 288 21.92 17.79 -7.35
N LEU C 289 20.83 17.52 -8.06
CA LEU C 289 19.48 17.60 -7.49
C LEU C 289 19.35 16.69 -6.28
N THR C 290 19.83 15.46 -6.46
CA THR C 290 19.80 14.45 -5.41
C THR C 290 20.56 14.93 -4.19
N GLN C 291 21.74 15.48 -4.45
CA GLN C 291 22.62 16.00 -3.40
C GLN C 291 21.89 17.08 -2.60
N GLN C 292 21.25 17.98 -3.34
CA GLN C 292 20.55 19.09 -2.73
C GLN C 292 19.41 18.57 -1.85
N MET C 293 18.68 17.60 -2.36
CA MET C 293 17.38 17.26 -1.74
C MET C 293 17.63 16.62 -0.39
N PHE C 294 18.63 15.76 -0.30
CA PHE C 294 18.89 14.97 0.90
C PHE C 294 19.61 15.74 2.00
N ASP C 295 20.13 16.93 1.70
CA ASP C 295 20.76 17.78 2.71
C ASP C 295 19.76 18.23 3.79
N ALA C 296 20.23 18.29 5.04
CA ALA C 296 19.41 18.63 6.19
C ALA C 296 18.89 20.07 6.10
N LYS C 297 19.77 20.97 5.63
CA LYS C 297 19.48 22.39 5.50
C LYS C 297 18.52 22.72 4.36
N ASN C 298 18.09 21.73 3.55
CA ASN C 298 17.07 21.89 2.52
C ASN C 298 15.66 21.40 2.92
N MET C 299 15.49 21.00 4.18
CA MET C 299 14.20 20.55 4.69
C MET C 299 13.36 21.75 5.14
N MET C 300 12.07 21.69 4.81
CA MET C 300 11.09 22.76 5.11
C MET C 300 10.42 22.54 6.48
N ALA C 301 10.93 21.59 7.27
CA ALA C 301 10.53 21.37 8.65
C ALA C 301 11.75 21.63 9.51
N ALA C 302 11.61 22.34 10.62
CA ALA C 302 12.76 22.67 11.51
C ALA C 302 13.17 21.49 12.42
N CYS C 303 13.67 20.44 11.78
CA CYS C 303 14.06 19.21 12.44
C CYS C 303 15.34 18.75 11.78
N ASP C 304 16.25 18.19 12.54
CA ASP C 304 17.53 17.76 11.99
C ASP C 304 17.36 16.30 11.57
N PRO C 305 17.39 15.95 10.25
CA PRO C 305 17.28 14.55 9.85
C PRO C 305 18.41 13.69 10.43
N ARG C 306 19.55 14.31 10.76
CA ARG C 306 20.67 13.60 11.35
C ARG C 306 20.46 13.26 12.83
N HIS C 307 19.36 13.73 13.42
CA HIS C 307 18.97 13.42 14.80
C HIS C 307 18.08 12.18 14.87
N GLY C 308 17.70 11.66 13.72
CA GLY C 308 16.85 10.49 13.64
C GLY C 308 17.26 9.56 12.51
N ARG C 309 16.27 8.81 12.01
CA ARG C 309 16.39 7.94 10.84
C ARG C 309 15.19 8.19 9.93
N TYR C 310 15.43 8.02 8.64
CA TYR C 310 14.36 7.97 7.65
C TYR C 310 13.71 6.58 7.67
N LEU C 311 12.38 6.57 7.87
CA LEU C 311 11.59 5.36 7.79
C LEU C 311 11.36 5.06 6.33
N THR C 312 10.90 6.08 5.60
CA THR C 312 10.69 6.01 4.15
C THR C 312 10.89 7.40 3.55
N VAL C 313 11.33 7.43 2.31
CA VAL C 313 11.45 8.68 1.58
C VAL C 313 10.96 8.46 0.16
N ALA C 314 10.12 9.38 -0.34
CA ALA C 314 9.62 9.39 -1.69
C ALA C 314 10.23 10.58 -2.39
N ALA C 315 10.81 10.31 -3.56
CA ALA C 315 11.37 11.34 -4.44
C ALA C 315 10.57 11.43 -5.73
N VAL C 316 10.17 12.65 -6.08
CA VAL C 316 9.38 12.86 -7.30
C VAL C 316 10.15 13.81 -8.22
N PHE C 317 10.51 13.30 -9.40
CA PHE C 317 11.39 13.96 -10.33
C PHE C 317 10.56 14.43 -11.50
N ARG C 318 10.86 15.63 -11.99
CA ARG C 318 10.18 16.23 -13.13
C ARG C 318 11.20 16.68 -14.16
N GLY C 319 10.99 16.27 -15.41
CA GLY C 319 11.88 16.61 -16.53
C GLY C 319 12.30 15.35 -17.25
N ARG C 320 13.03 15.51 -18.37
CA ARG C 320 13.52 14.36 -19.15
C ARG C 320 14.80 13.82 -18.49
N MET C 321 14.69 12.62 -17.93
CA MET C 321 15.75 12.04 -17.12
C MET C 321 15.93 10.58 -17.44
N SER C 322 17.18 10.09 -17.33
CA SER C 322 17.47 8.66 -17.44
C SER C 322 17.15 7.96 -16.11
N MET C 323 16.31 6.93 -16.20
CA MET C 323 15.87 6.14 -15.05
C MET C 323 17.04 5.51 -14.33
N LYS C 324 18.00 5.01 -15.10
CA LYS C 324 19.18 4.34 -14.55
C LYS C 324 19.94 5.31 -13.66
N GLU C 325 20.14 6.51 -14.18
CA GLU C 325 20.89 7.55 -13.46
C GLU C 325 20.19 7.87 -12.15
N VAL C 326 18.85 7.97 -12.21
CA VAL C 326 18.03 8.26 -11.03
C VAL C 326 18.19 7.17 -9.97
N ASP C 327 18.19 5.93 -10.45
CA ASP C 327 18.27 4.75 -9.59
C ASP C 327 19.62 4.63 -8.90
N GLU C 328 20.67 4.92 -9.66
CA GLU C 328 22.05 4.89 -9.18
C GLU C 328 22.21 5.84 -8.01
N GLN C 329 21.73 7.06 -8.23
CA GLN C 329 21.86 8.16 -7.28
C GLN C 329 21.16 7.90 -5.96
N MET C 330 19.97 7.30 -6.03
CA MET C 330 19.20 6.94 -4.84
C MET C 330 19.82 5.76 -4.08
N LEU C 331 20.38 4.78 -4.80
CA LEU C 331 21.08 3.66 -4.17
C LEU C 331 22.36 4.14 -3.45
N ASN C 332 23.08 5.05 -4.11
CA ASN C 332 24.32 5.63 -3.59
C ASN C 332 24.09 6.34 -2.26
N VAL C 333 23.05 7.17 -2.20
CA VAL C 333 22.66 7.92 -1.01
C VAL C 333 22.34 7.05 0.18
N GLN C 334 21.65 5.93 -0.04
CA GLN C 334 21.32 4.94 1.00
C GLN C 334 22.48 4.08 1.48
N ASN C 335 23.43 3.81 0.57
CA ASN C 335 24.63 3.05 0.89
C ASN C 335 25.63 3.88 1.66
N LYS C 336 25.84 5.13 1.21
CA LYS C 336 26.77 6.06 1.82
C LYS C 336 26.29 6.58 3.18
N ASN C 337 24.98 6.80 3.29
CA ASN C 337 24.37 7.35 4.51
C ASN C 337 23.53 6.30 5.23
N SER C 338 24.02 5.04 5.23
CA SER C 338 23.38 3.87 5.86
C SER C 338 22.77 4.15 7.23
N SER C 339 23.53 4.86 8.06
CA SER C 339 23.14 5.21 9.42
C SER C 339 21.90 6.13 9.53
N TYR C 340 21.49 6.80 8.46
CA TYR C 340 20.32 7.69 8.53
C TYR C 340 19.00 7.02 8.07
N PHE C 341 19.07 5.73 7.75
CA PHE C 341 17.94 4.99 7.20
C PHE C 341 17.70 3.78 8.08
N VAL C 342 16.45 3.52 8.40
CA VAL C 342 16.10 2.34 9.20
C VAL C 342 16.50 1.07 8.41
N GLU C 343 17.19 0.14 9.08
CA GLU C 343 17.83 -1.02 8.41
C GLU C 343 16.85 -2.17 8.18
N TRP C 344 15.69 -2.14 8.83
CA TRP C 344 14.71 -3.23 8.71
C TRP C 344 13.61 -2.97 7.65
N ILE C 345 13.76 -1.90 6.85
CA ILE C 345 12.93 -1.67 5.66
C ILE C 345 13.93 -1.52 4.51
N PRO C 346 14.28 -2.64 3.84
CA PRO C 346 15.23 -2.54 2.70
C PRO C 346 14.64 -1.73 1.53
N ASN C 347 15.50 -1.02 0.79
CA ASN C 347 15.10 0.04 -0.14
C ASN C 347 14.09 1.03 0.46
N ASN C 348 14.61 1.90 1.33
CA ASN C 348 13.82 2.95 1.98
C ASN C 348 13.29 4.05 1.03
N VAL C 349 13.72 3.99 -0.24
CA VAL C 349 13.42 4.99 -1.24
C VAL C 349 12.40 4.51 -2.28
N LYS C 350 11.36 5.33 -2.48
CA LYS C 350 10.40 5.23 -3.60
C LYS C 350 10.65 6.37 -4.61
N THR C 351 10.68 6.04 -5.90
CA THR C 351 10.94 6.99 -6.99
C THR C 351 9.75 7.15 -7.93
N ALA C 352 9.45 8.37 -8.34
CA ALA C 352 8.47 8.64 -9.39
C ALA C 352 9.01 9.69 -10.33
N VAL C 353 8.70 9.60 -11.62
CA VAL C 353 9.24 10.52 -12.64
C VAL C 353 8.13 10.99 -13.56
N CYS C 354 7.97 12.31 -13.69
CA CYS C 354 7.05 12.92 -14.66
C CYS C 354 7.84 13.67 -15.71
N ASP C 355 7.51 13.40 -16.98
CA ASP C 355 8.22 13.94 -18.14
C ASP C 355 8.13 15.46 -18.27
N ILE C 356 7.03 16.05 -17.80
CA ILE C 356 6.79 17.51 -17.90
C ILE C 356 7.44 18.26 -16.73
N PRO C 357 8.49 19.06 -17.04
CA PRO C 357 9.17 19.83 -15.99
C PRO C 357 8.38 21.08 -15.62
N PRO C 358 8.64 21.69 -14.43
CA PRO C 358 7.99 22.97 -14.11
C PRO C 358 8.50 24.08 -15.03
N ARG C 359 7.80 25.21 -15.12
CA ARG C 359 8.21 26.30 -16.04
C ARG C 359 9.52 26.96 -15.58
N GLY C 360 10.37 27.29 -16.56
CA GLY C 360 11.67 27.90 -16.30
C GLY C 360 12.81 26.92 -16.07
N LEU C 361 12.47 25.68 -15.69
CA LEU C 361 13.47 24.66 -15.32
C LEU C 361 13.34 23.43 -16.23
N LYS C 362 14.47 22.78 -16.48
CA LYS C 362 14.57 21.60 -17.32
C LYS C 362 14.43 20.35 -16.47
N MET C 363 14.91 20.47 -15.22
CA MET C 363 14.81 19.43 -14.21
C MET C 363 14.48 19.97 -12.82
N SER C 364 13.64 19.24 -12.10
CA SER C 364 13.19 19.60 -10.75
C SER C 364 12.85 18.37 -9.91
N ALA C 365 12.79 18.55 -8.60
CA ALA C 365 12.59 17.45 -7.69
C ALA C 365 11.78 17.88 -6.48
N THR C 366 10.99 16.93 -5.99
CA THR C 366 10.24 17.08 -4.76
C THR C 366 10.50 15.88 -3.89
N PHE C 367 10.71 16.18 -2.62
CA PHE C 367 11.12 15.22 -1.60
C PHE C 367 10.01 15.09 -0.57
N ILE C 368 9.69 13.87 -0.15
CA ILE C 368 8.80 13.64 0.99
C ILE C 368 9.47 12.63 1.92
N GLY C 369 9.80 13.03 3.14
CA GLY C 369 10.48 12.11 4.04
C GLY C 369 9.67 11.85 5.30
N ASN C 370 9.59 10.58 5.70
CA ASN C 370 9.03 10.18 6.98
C ASN C 370 10.23 9.88 7.84
N SER C 371 10.62 10.90 8.61
CA SER C 371 11.79 10.85 9.51
C SER C 371 11.41 10.81 10.98
N THR C 372 12.13 9.99 11.73
CA THR C 372 11.88 9.89 13.17
C THR C 372 12.22 11.19 13.91
N ALA C 373 12.96 12.12 13.28
CA ALA C 373 13.30 13.46 13.84
C ALA C 373 12.09 14.37 14.04
N ILE C 374 10.97 14.08 13.36
CA ILE C 374 9.72 14.83 13.52
C ILE C 374 9.25 14.82 14.98
N GLN C 375 9.69 13.82 15.76
CA GLN C 375 9.39 13.74 17.20
C GLN C 375 9.79 15.00 17.95
N GLU C 376 10.83 15.66 17.45
CA GLU C 376 11.35 16.86 18.11
C GLU C 376 10.29 17.95 18.11
N LEU C 377 9.60 18.08 16.97
CA LEU C 377 8.55 19.07 16.79
C LEU C 377 7.45 18.78 17.79
N PHE C 378 7.06 17.52 17.91
CA PHE C 378 5.96 17.19 18.82
C PHE C 378 6.40 17.42 20.26
N LYS C 379 7.65 17.08 20.56
CA LYS C 379 8.12 17.04 21.96
C LYS C 379 8.15 18.43 22.57
N ARG C 380 8.70 19.36 21.78
CA ARG C 380 8.77 20.77 22.18
C ARG C 380 7.38 21.32 22.50
N ILE C 381 6.45 21.03 21.59
CA ILE C 381 5.07 21.48 21.71
C ILE C 381 4.46 20.94 23.01
N SER C 382 4.70 19.66 23.25
CA SER C 382 4.21 18.97 24.44
C SER C 382 4.71 19.66 25.69
N GLU C 383 6.01 19.95 25.69
CA GLU C 383 6.70 20.59 26.79
C GLU C 383 6.05 21.95 27.09
N GLN C 384 5.83 22.69 26.01
CA GLN C 384 5.27 24.04 26.15
C GLN C 384 3.87 23.96 26.73
N PHE C 385 3.09 22.99 26.24
CA PHE C 385 1.73 22.75 26.71
C PHE C 385 1.74 22.48 28.20
N THR C 386 2.67 21.61 28.62
CA THR C 386 2.81 21.23 30.03
C THR C 386 3.08 22.46 30.88
N ALA C 387 4.01 23.28 30.38
CA ALA C 387 4.41 24.51 31.06
C ALA C 387 3.21 25.43 31.25
N MET C 388 2.39 25.56 30.21
CA MET C 388 1.18 26.39 30.36
C MET C 388 0.20 25.72 31.35
N PHE C 389 -0.14 24.47 31.03
CA PHE C 389 -1.24 23.73 31.66
C PHE C 389 -1.06 23.47 33.16
N ARG C 390 0.19 23.24 33.59
CA ARG C 390 0.57 23.06 35.00
C ARG C 390 0.07 24.24 35.87
N ARG C 391 0.10 25.45 35.31
CA ARG C 391 -0.39 26.65 36.03
C ARG C 391 -1.76 27.12 35.53
N LYS C 392 -2.41 26.31 34.68
CA LYS C 392 -3.75 26.58 34.11
C LYS C 392 -3.81 27.95 33.39
N ALA C 393 -2.67 28.39 32.83
CA ALA C 393 -2.55 29.70 32.17
C ALA C 393 -3.42 29.78 30.91
N PHE C 394 -4.20 30.86 30.76
CA PHE C 394 -5.09 31.12 29.62
C PHE C 394 -6.22 30.10 29.46
N LEU C 395 -6.43 29.23 30.44
CA LEU C 395 -7.41 28.14 30.31
C LEU C 395 -8.83 28.68 30.25
N HIS C 396 -9.06 29.74 31.04
CA HIS C 396 -10.39 30.28 31.27
C HIS C 396 -11.09 30.64 29.98
N TRP C 397 -10.37 31.21 29.03
CA TRP C 397 -10.94 31.63 27.74
C TRP C 397 -11.53 30.42 27.02
N TYR C 398 -10.71 29.37 26.99
CA TYR C 398 -11.09 28.13 26.29
C TYR C 398 -12.32 27.54 26.95
N THR C 399 -12.32 27.54 28.29
CA THR C 399 -13.43 26.96 29.04
C THR C 399 -14.74 27.76 28.84
N GLY C 400 -14.60 29.08 28.67
CA GLY C 400 -15.70 29.98 28.37
C GLY C 400 -16.34 29.67 27.04
N GLU C 401 -15.65 28.94 26.15
CA GLU C 401 -16.20 28.51 24.86
C GLU C 401 -16.79 27.10 24.91
N GLY C 402 -16.91 26.56 26.12
CA GLY C 402 -17.51 25.25 26.33
C GLY C 402 -16.53 24.12 26.51
N MET C 403 -15.23 24.37 26.31
CA MET C 403 -14.20 23.30 26.40
C MET C 403 -13.92 22.90 27.85
N ASP C 404 -13.57 21.63 28.04
CA ASP C 404 -13.34 21.06 29.35
C ASP C 404 -11.85 20.73 29.45
N GLU C 405 -11.31 20.74 30.67
CA GLU C 405 -9.88 20.49 30.94
C GLU C 405 -9.45 19.11 30.44
N MET C 406 -10.35 18.14 30.60
CA MET C 406 -10.11 16.76 30.28
C MET C 406 -9.69 16.55 28.84
N GLU C 407 -10.26 17.33 27.92
CA GLU C 407 -9.84 17.27 26.51
C GLU C 407 -8.35 17.54 26.36
N PHE C 408 -7.88 18.57 27.08
CA PHE C 408 -6.49 18.97 27.06
C PHE C 408 -5.61 17.82 27.54
N THR C 409 -6.05 17.19 28.63
CA THR C 409 -5.34 16.05 29.21
C THR C 409 -5.21 14.91 28.20
N GLU C 410 -6.34 14.65 27.52
CA GLU C 410 -6.40 13.60 26.51
C GLU C 410 -5.42 13.86 25.37
N ALA C 411 -5.51 15.07 24.79
CA ALA C 411 -4.71 15.45 23.64
C ALA C 411 -3.22 15.32 23.94
N GLU C 412 -2.84 15.83 25.10
CA GLU C 412 -1.45 15.80 25.56
C GLU C 412 -0.98 14.36 25.69
N SER C 413 -1.83 13.52 26.26
CA SER C 413 -1.52 12.08 26.41
C SER C 413 -1.26 11.45 25.03
N ASN C 414 -2.16 11.76 24.11
CA ASN C 414 -2.16 11.21 22.77
C ASN C 414 -0.85 11.55 22.06
N MET C 415 -0.52 12.83 22.14
CA MET C 415 0.70 13.35 21.51
C MET C 415 1.92 12.66 22.09
N ASN C 416 1.93 12.49 23.41
CA ASN C 416 3.03 11.82 24.11
C ASN C 416 3.21 10.41 23.59
N ASP C 417 2.09 9.72 23.46
CA ASP C 417 2.05 8.34 22.95
C ASP C 417 2.66 8.27 21.56
N LEU C 418 2.24 9.22 20.72
CA LEU C 418 2.72 9.31 19.34
C LEU C 418 4.23 9.48 19.31
N VAL C 419 4.71 10.38 20.18
CA VAL C 419 6.15 10.67 20.29
C VAL C 419 6.91 9.39 20.64
N SER C 420 6.37 8.68 21.63
CA SER C 420 6.96 7.44 22.12
C SER C 420 7.07 6.43 20.99
N GLU C 421 5.99 6.32 20.23
CA GLU C 421 5.91 5.35 19.14
C GLU C 421 6.98 5.66 18.11
N TYR C 422 7.16 6.94 17.77
CA TYR C 422 8.20 7.33 16.80
C TYR C 422 9.58 6.90 17.29
N GLN C 423 9.81 7.19 18.57
CA GLN C 423 11.10 6.92 19.20
C GLN C 423 11.42 5.43 19.16
N GLN C 424 10.41 4.60 19.44
CA GLN C 424 10.64 3.18 19.55
C GLN C 424 10.95 2.60 18.20
N TYR C 425 10.25 3.03 17.16
CA TYR C 425 10.54 2.55 15.80
C TYR C 425 11.85 3.07 15.23
N GLN C 426 12.34 4.20 15.73
CA GLN C 426 13.77 4.57 15.54
C GLN C 426 14.67 3.48 16.12
#